data_5F19
#
_entry.id   5F19
#
_cell.length_a   114.200
_cell.length_b   130.130
_cell.length_c   178.030
_cell.angle_alpha   90.000
_cell.angle_beta   90.000
_cell.angle_gamma   90.000
#
_symmetry.space_group_name_H-M   'I 2 2 2'
#
loop_
_entity.id
_entity.type
_entity.pdbx_description
1 polymer 'Prostaglandin G/H synthase 2'
2 branched alpha-D-mannopyranose-(1-4)-2-acetamido-2-deoxy-beta-D-glucopyranose-(1-4)-2-acetamido-2-deoxy-beta-D-glucopyranose
3 branched 2-acetamido-2-deoxy-beta-D-glucopyranose-(1-4)-2-acetamido-2-deoxy-beta-D-glucopyranose
4 non-polymer 'PROTOPORPHYRIN IX CONTAINING CO'
5 non-polymer 2-acetamido-2-deoxy-beta-D-glucopyranose
6 non-polymer 'ACRYLIC ACID'
7 non-polymer 1,2-ETHANEDIOL
8 non-polymer 'octyl beta-D-glucopyranoside'
9 water water
#
_entity_poly.entity_id   1
_entity_poly.type   'polypeptide(L)'
_entity_poly.pdbx_seq_one_letter_code
;KNPCCSHPCQNRGVCMSVGFDQYKCDCTRTGFYGENCSTPEFLTRIKLFLKPTPNTVHYILTHFKGFWNVVNNIPFLRNA
IMSYVLTSRSHLIDSPPTYNADYGYKSWEAFSNLSYYTRALPPVPDDCPTPLGVKGKKQLPDSNEIVEKLLLRRKFIPDP
QGSNMMFAFFAQHFTHQFFKTDHKRGPAFTNGLGHGVDLNHIYGETLARQRKLRLFKDGKMKYQIIDGEMYPPTVKDTQA
EMIYPPQVPEHLRFAVGQEVFGLVPGLMMYATIWLREHNRVCDVLKQEHPEWGDEQLFQTSRLILIGETIKIVIEDYVQH
LSGYHFKLKFDPELLFNKQFQYQNRIAAEFNTLYHWHPLLPDTFQIHDQKYNYQQFIYNNSILLEHGITQFVESFTRQIA
GRVAGGRNVPPAVQKVSQASIDQSRQMKYQSFNEYRKRFMLKPYESFEELTGEKEMSAELEALYGDIDAVELYPALLVEK
PRPDAIFGETMVEVGAPF(OAS)LKGLMGNVICSPAYWKPSTFGGEVGFQIINTASIQSLICNNVKGCPFTSFSVP
;
_entity_poly.pdbx_strand_id   A,B
#
# COMPACT_ATOMS: atom_id res chain seq x y z
N LYS A 1 -28.45 -22.44 -0.05
CA LYS A 1 -27.47 -23.51 -0.08
C LYS A 1 -26.35 -23.22 -1.07
N ASN A 2 -25.42 -22.35 -0.65
CA ASN A 2 -24.24 -22.05 -1.43
C ASN A 2 -23.41 -23.32 -1.63
N PRO A 3 -23.09 -23.65 -2.88
CA PRO A 3 -22.33 -24.88 -3.19
C PRO A 3 -20.90 -24.86 -2.63
N CYS A 4 -20.44 -23.71 -2.17
CA CYS A 4 -19.10 -23.61 -1.61
C CYS A 4 -19.11 -23.71 -0.08
N CYS A 5 -20.28 -23.95 0.49
CA CYS A 5 -20.42 -24.05 1.95
C CYS A 5 -19.56 -25.15 2.56
N SER A 6 -19.31 -26.20 1.79
CA SER A 6 -18.51 -27.33 2.29
C SER A 6 -17.02 -27.02 2.25
N HIS A 7 -16.67 -25.87 1.66
CA HIS A 7 -15.28 -25.50 1.40
C HIS A 7 -14.53 -26.62 0.66
N PRO A 8 -15.02 -26.98 -0.54
CA PRO A 8 -14.50 -28.18 -1.22
C PRO A 8 -13.08 -28.02 -1.75
N CYS A 9 -12.66 -26.78 -2.01
CA CYS A 9 -11.36 -26.53 -2.63
C CYS A 9 -10.22 -26.62 -1.61
N GLN A 10 -9.21 -27.43 -1.95
CA GLN A 10 -8.07 -27.64 -1.06
C GLN A 10 -6.85 -26.87 -1.55
N ASN A 11 -5.85 -26.77 -0.67
CA ASN A 11 -4.54 -26.22 -1.02
C ASN A 11 -4.61 -24.81 -1.58
N ARG A 12 -5.44 -23.97 -0.96
CA ARG A 12 -5.59 -22.55 -1.30
C ARG A 12 -6.16 -22.31 -2.69
N GLY A 13 -6.85 -23.31 -3.24
CA GLY A 13 -7.62 -23.13 -4.45
C GLY A 13 -8.82 -22.26 -4.15
N VAL A 14 -9.36 -21.60 -5.17
CA VAL A 14 -10.47 -20.68 -4.97
C VAL A 14 -11.81 -21.28 -5.41
N CYS A 15 -12.79 -21.27 -4.52
CA CYS A 15 -14.12 -21.81 -4.84
C CYS A 15 -15.01 -20.73 -5.45
N MET A 16 -15.72 -21.09 -6.51
CA MET A 16 -16.65 -20.19 -7.17
C MET A 16 -17.92 -20.94 -7.56
N SER A 17 -19.08 -20.36 -7.25
CA SER A 17 -20.35 -20.97 -7.63
C SER A 17 -20.56 -20.84 -9.13
N VAL A 18 -21.11 -21.88 -9.74
CA VAL A 18 -21.51 -21.83 -11.14
C VAL A 18 -22.93 -22.37 -11.26
N GLY A 19 -23.91 -21.47 -11.23
CA GLY A 19 -25.29 -21.87 -11.14
C GLY A 19 -25.65 -22.12 -9.67
N PHE A 20 -26.88 -22.56 -9.43
CA PHE A 20 -27.33 -22.80 -8.07
C PHE A 20 -26.80 -24.11 -7.50
N ASP A 21 -26.45 -25.04 -8.38
CA ASP A 21 -26.20 -26.42 -7.97
C ASP A 21 -24.73 -26.85 -8.00
N GLN A 22 -23.87 -26.05 -8.62
CA GLN A 22 -22.48 -26.47 -8.80
C GLN A 22 -21.46 -25.42 -8.41
N TYR A 23 -20.22 -25.88 -8.24
CA TYR A 23 -19.09 -25.01 -7.94
C TYR A 23 -17.93 -25.32 -8.87
N LYS A 24 -16.95 -24.43 -8.90
CA LYS A 24 -15.73 -24.64 -9.68
C LYS A 24 -14.52 -24.20 -8.86
N CYS A 25 -13.52 -25.06 -8.78
CA CYS A 25 -12.29 -24.73 -8.06
C CYS A 25 -11.22 -24.20 -8.99
N ASP A 26 -10.70 -23.01 -8.66
CA ASP A 26 -9.61 -22.40 -9.42
C ASP A 26 -8.27 -22.81 -8.80
N CYS A 27 -7.58 -23.73 -9.48
CA CYS A 27 -6.35 -24.30 -8.94
C CYS A 27 -5.10 -23.58 -9.43
N THR A 28 -5.27 -22.37 -9.95
CA THR A 28 -4.17 -21.58 -10.51
C THR A 28 -3.02 -21.40 -9.50
N ARG A 29 -1.84 -21.89 -9.88
CA ARG A 29 -0.61 -21.73 -9.09
C ARG A 29 -0.72 -22.26 -7.66
N THR A 30 -1.53 -23.29 -7.45
CA THR A 30 -1.61 -23.95 -6.16
C THR A 30 -0.61 -25.10 -6.08
N GLY A 31 -0.14 -25.54 -7.24
CA GLY A 31 0.73 -26.70 -7.32
C GLY A 31 -0.09 -27.98 -7.30
N PHE A 32 -1.40 -27.82 -7.46
CA PHE A 32 -2.33 -28.94 -7.45
C PHE A 32 -3.33 -28.83 -8.60
N TYR A 33 -3.99 -29.93 -8.92
CA TYR A 33 -5.04 -29.92 -9.92
C TYR A 33 -6.15 -30.89 -9.52
N GLY A 34 -7.12 -31.08 -10.42
CA GLY A 34 -8.27 -31.91 -10.12
C GLY A 34 -9.44 -31.04 -9.71
N GLU A 35 -10.61 -31.66 -9.55
CA GLU A 35 -11.84 -30.93 -9.26
C GLU A 35 -11.75 -30.12 -7.96
N ASN A 36 -11.06 -30.68 -6.97
CA ASN A 36 -10.95 -30.04 -5.67
C ASN A 36 -9.55 -29.53 -5.35
N CYS A 37 -8.69 -29.46 -6.37
CA CYS A 37 -7.29 -29.10 -6.21
C CYS A 37 -6.59 -30.02 -5.21
N SER A 38 -6.88 -31.30 -5.31
CA SER A 38 -6.34 -32.27 -4.36
C SER A 38 -5.19 -33.09 -4.94
N THR A 39 -5.18 -33.26 -6.26
CA THR A 39 -4.16 -34.04 -6.92
C THR A 39 -2.90 -33.20 -7.17
N PRO A 40 -1.78 -33.58 -6.56
CA PRO A 40 -0.53 -32.84 -6.67
C PRO A 40 0.18 -33.06 -8.01
N GLU A 41 0.89 -32.04 -8.48
CA GLU A 41 1.67 -32.14 -9.70
C GLU A 41 2.99 -32.86 -9.41
N PHE A 42 3.81 -33.02 -10.45
CA PHE A 42 5.07 -33.76 -10.34
C PHE A 42 6.00 -33.17 -9.27
N LEU A 43 6.41 -31.92 -9.47
CA LEU A 43 7.31 -31.25 -8.54
C LEU A 43 6.68 -31.12 -7.16
N THR A 44 5.35 -30.99 -7.12
CA THR A 44 4.64 -30.86 -5.86
C THR A 44 4.77 -32.13 -5.00
N ARG A 45 4.61 -33.29 -5.63
CA ARG A 45 4.78 -34.56 -4.94
C ARG A 45 6.19 -34.70 -4.38
N ILE A 46 7.18 -34.21 -5.14
CA ILE A 46 8.57 -34.28 -4.73
C ILE A 46 8.83 -33.38 -3.52
N LYS A 47 8.35 -32.15 -3.59
CA LYS A 47 8.52 -31.20 -2.48
C LYS A 47 7.85 -31.71 -1.22
N LEU A 48 6.69 -32.35 -1.38
CA LEU A 48 5.97 -32.93 -0.24
C LEU A 48 6.78 -34.04 0.42
N PHE A 49 7.42 -34.87 -0.39
CA PHE A 49 8.18 -36.00 0.11
C PHE A 49 9.53 -35.59 0.71
N LEU A 50 9.98 -34.40 0.36
CA LEU A 50 11.29 -33.91 0.83
C LEU A 50 11.15 -32.80 1.86
N LYS A 51 9.92 -32.55 2.31
CA LYS A 51 9.68 -31.55 3.34
C LYS A 51 9.19 -32.21 4.64
N PRO A 52 9.91 -31.96 5.74
CA PRO A 52 9.59 -32.54 7.05
C PRO A 52 8.43 -31.83 7.75
N THR A 53 8.00 -32.38 8.88
CA THR A 53 6.92 -31.79 9.67
C THR A 53 7.45 -30.67 10.56
N PRO A 54 6.58 -29.71 10.91
CA PRO A 54 6.97 -28.60 11.80
C PRO A 54 7.48 -29.07 13.16
N ASN A 55 6.98 -30.19 13.66
CA ASN A 55 7.43 -30.71 14.94
C ASN A 55 8.83 -31.31 14.85
N THR A 56 9.18 -31.83 13.68
CA THR A 56 10.53 -32.33 13.44
C THR A 56 11.51 -31.17 13.36
N VAL A 57 11.12 -30.12 12.63
CA VAL A 57 11.93 -28.92 12.50
C VAL A 57 12.14 -28.26 13.86
N HIS A 58 11.06 -28.17 14.63
CA HIS A 58 11.12 -27.55 15.95
C HIS A 58 12.04 -28.31 16.89
N TYR A 59 12.11 -29.63 16.74
CA TYR A 59 13.02 -30.44 17.52
C TYR A 59 14.47 -30.07 17.23
N ILE A 60 14.80 -29.98 15.94
CA ILE A 60 16.15 -29.66 15.49
C ILE A 60 16.60 -28.28 15.99
N LEU A 61 15.69 -27.31 15.93
CA LEU A 61 16.00 -25.94 16.31
C LEU A 61 16.12 -25.79 17.83
N THR A 62 15.56 -26.74 18.58
CA THR A 62 15.59 -26.67 20.03
C THR A 62 16.55 -27.68 20.64
N HIS A 63 17.34 -28.33 19.78
CA HIS A 63 18.36 -29.27 20.25
C HIS A 63 19.67 -29.02 19.50
N PHE A 64 20.67 -29.86 19.80
CA PHE A 64 21.99 -29.73 19.20
C PHE A 64 22.56 -28.33 19.40
N LYS A 65 22.63 -27.88 20.66
CA LYS A 65 23.06 -26.52 20.97
C LYS A 65 24.48 -26.23 20.49
N GLY A 66 25.36 -27.21 20.61
CA GLY A 66 26.73 -27.08 20.18
C GLY A 66 26.82 -26.86 18.67
N PHE A 67 25.92 -27.50 17.93
CA PHE A 67 25.85 -27.34 16.48
C PHE A 67 25.44 -25.93 16.10
N TRP A 68 24.38 -25.42 16.72
CA TRP A 68 23.86 -24.10 16.39
C TRP A 68 24.82 -22.99 16.82
N ASN A 69 25.62 -23.25 17.85
CA ASN A 69 26.64 -22.31 18.27
C ASN A 69 27.65 -22.06 17.15
N VAL A 70 28.00 -23.12 16.44
CA VAL A 70 28.90 -23.01 15.28
C VAL A 70 28.20 -22.26 14.14
N VAL A 71 26.96 -22.67 13.86
CA VAL A 71 26.17 -22.04 12.79
C VAL A 71 25.98 -20.55 13.03
N ASN A 72 25.66 -20.18 14.27
CA ASN A 72 25.42 -18.78 14.62
C ASN A 72 26.63 -17.89 14.41
N ASN A 73 27.82 -18.48 14.44
CA ASN A 73 29.05 -17.70 14.35
C ASN A 73 29.70 -17.75 12.97
N ILE A 74 29.01 -18.35 12.00
CA ILE A 74 29.45 -18.26 10.62
C ILE A 74 28.36 -17.56 9.80
N PRO A 75 28.53 -16.25 9.57
CA PRO A 75 27.55 -15.33 9.00
C PRO A 75 26.87 -15.85 7.74
N PHE A 76 27.66 -16.41 6.82
CA PHE A 76 27.14 -16.89 5.55
C PHE A 76 26.03 -17.92 5.73
N LEU A 77 26.21 -18.85 6.67
CA LEU A 77 25.20 -19.86 6.94
C LEU A 77 24.03 -19.28 7.75
N ARG A 78 24.35 -18.42 8.71
CA ARG A 78 23.33 -17.80 9.54
C ARG A 78 22.40 -16.93 8.69
N ASN A 79 22.96 -16.25 7.70
CA ASN A 79 22.18 -15.42 6.79
C ASN A 79 21.26 -16.26 5.93
N ALA A 80 21.80 -17.37 5.40
CA ALA A 80 21.04 -18.25 4.53
C ALA A 80 19.84 -18.87 5.26
N ILE A 81 20.07 -19.29 6.49
CA ILE A 81 19.01 -19.89 7.30
C ILE A 81 17.94 -18.86 7.65
N MET A 82 18.36 -17.69 8.09
CA MET A 82 17.42 -16.62 8.44
C MET A 82 16.66 -16.14 7.21
N SER A 83 17.33 -16.12 6.06
CA SER A 83 16.68 -15.74 4.81
C SER A 83 15.56 -16.72 4.49
N TYR A 84 15.81 -18.01 4.71
CA TYR A 84 14.84 -19.03 4.40
C TYR A 84 13.59 -18.95 5.29
N VAL A 85 13.80 -18.69 6.57
CA VAL A 85 12.67 -18.61 7.50
C VAL A 85 11.82 -17.38 7.19
N LEU A 86 12.41 -16.38 6.55
CA LEU A 86 11.66 -15.18 6.20
C LEU A 86 10.81 -15.38 4.96
N THR A 87 11.40 -15.97 3.93
CA THR A 87 10.73 -16.15 2.65
C THR A 87 9.64 -17.23 2.72
N SER A 88 9.93 -18.33 3.40
CA SER A 88 9.01 -19.45 3.46
C SER A 88 7.76 -19.13 4.28
N ARG A 89 7.92 -18.40 5.38
CA ARG A 89 6.79 -18.01 6.20
C ARG A 89 5.91 -16.99 5.50
N SER A 90 6.52 -15.99 4.90
CA SER A 90 5.81 -14.88 4.27
C SER A 90 5.05 -15.30 3.01
N HIS A 91 5.40 -16.46 2.47
CA HIS A 91 4.76 -16.97 1.27
C HIS A 91 3.32 -17.41 1.54
N LEU A 92 3.03 -17.73 2.79
CA LEU A 92 1.70 -18.18 3.19
C LEU A 92 0.71 -17.03 3.30
N ILE A 93 1.21 -15.81 3.25
CA ILE A 93 0.37 -14.62 3.37
C ILE A 93 0.05 -14.02 2.00
N ASP A 94 -1.22 -13.70 1.77
CA ASP A 94 -1.63 -13.02 0.56
C ASP A 94 -1.29 -11.53 0.63
N SER A 95 -0.46 -11.08 -0.30
CA SER A 95 -0.05 -9.67 -0.35
C SER A 95 0.18 -9.24 -1.79
N PRO A 96 -0.62 -8.27 -2.27
CA PRO A 96 -1.71 -7.50 -1.65
C PRO A 96 -2.85 -8.34 -1.08
N PRO A 97 -3.56 -7.82 -0.07
CA PRO A 97 -4.60 -8.57 0.65
C PRO A 97 -5.83 -8.85 -0.19
N THR A 98 -6.65 -9.81 0.25
CA THR A 98 -7.82 -10.23 -0.49
C THR A 98 -9.13 -9.99 0.26
N TYR A 99 -9.56 -10.99 1.03
CA TYR A 99 -10.89 -10.98 1.63
C TYR A 99 -11.00 -10.15 2.92
N ASN A 100 -12.23 -9.83 3.29
CA ASN A 100 -12.53 -9.34 4.64
C ASN A 100 -13.86 -9.93 5.10
N ALA A 101 -14.38 -9.45 6.23
CA ALA A 101 -15.60 -10.03 6.81
C ALA A 101 -16.82 -9.92 5.90
N ASP A 102 -16.84 -8.92 5.03
CA ASP A 102 -18.00 -8.69 4.18
C ASP A 102 -17.87 -9.30 2.79
N TYR A 103 -16.68 -9.78 2.45
CA TYR A 103 -16.43 -10.27 1.10
C TYR A 103 -15.68 -11.60 1.07
N GLY A 104 -16.38 -12.66 0.65
CA GLY A 104 -15.80 -13.97 0.50
C GLY A 104 -15.29 -14.18 -0.92
N TYR A 105 -15.33 -13.11 -1.70
CA TYR A 105 -14.78 -13.11 -3.05
C TYR A 105 -13.93 -11.86 -3.22
N LYS A 106 -13.02 -11.87 -4.19
CA LYS A 106 -12.19 -10.70 -4.47
C LYS A 106 -13.06 -9.55 -4.95
N SER A 107 -12.81 -8.36 -4.43
CA SER A 107 -13.53 -7.16 -4.83
C SER A 107 -12.69 -5.93 -4.54
N TRP A 108 -12.97 -4.83 -5.24
CA TRP A 108 -12.19 -3.62 -5.02
C TRP A 108 -12.45 -3.03 -3.64
N GLU A 109 -13.67 -3.25 -3.14
CA GLU A 109 -14.04 -2.75 -1.82
C GLU A 109 -13.19 -3.41 -0.74
N ALA A 110 -12.98 -4.72 -0.86
CA ALA A 110 -12.20 -5.47 0.11
C ALA A 110 -10.72 -5.08 0.08
N PHE A 111 -10.21 -4.78 -1.12
CA PHE A 111 -8.82 -4.39 -1.26
C PHE A 111 -8.57 -2.96 -0.78
N SER A 112 -9.45 -2.04 -1.15
CA SER A 112 -9.17 -0.62 -1.01
C SER A 112 -9.58 -0.03 0.35
N ASN A 113 -10.53 -0.67 1.02
CA ASN A 113 -11.06 -0.12 2.26
C ASN A 113 -10.23 -0.52 3.48
N LEU A 114 -9.39 0.41 3.94
CA LEU A 114 -8.44 0.15 5.01
C LEU A 114 -9.10 0.03 6.39
N SER A 115 -10.39 0.35 6.49
CA SER A 115 -11.08 0.30 7.77
C SER A 115 -11.35 -1.14 8.22
N TYR A 116 -11.26 -2.08 7.28
CA TYR A 116 -11.43 -3.50 7.59
C TYR A 116 -10.13 -4.17 8.00
N TYR A 117 -10.20 -5.13 8.90
CA TYR A 117 -9.16 -6.15 8.99
C TYR A 117 -9.28 -7.01 7.74
N THR A 118 -8.17 -7.48 7.19
CA THR A 118 -8.24 -8.41 6.09
C THR A 118 -8.47 -9.81 6.65
N ARG A 119 -8.62 -10.80 5.77
CA ARG A 119 -8.92 -12.16 6.22
C ARG A 119 -8.05 -13.21 5.52
N ALA A 120 -7.45 -14.09 6.31
CA ALA A 120 -6.65 -15.19 5.78
C ALA A 120 -7.54 -16.22 5.09
N LEU A 121 -8.74 -16.38 5.62
CA LEU A 121 -9.76 -17.21 4.98
C LEU A 121 -11.06 -16.41 4.84
N PRO A 122 -11.74 -16.56 3.69
CA PRO A 122 -13.01 -15.87 3.48
C PRO A 122 -14.06 -16.31 4.49
N PRO A 123 -15.01 -15.42 4.82
CA PRO A 123 -16.05 -15.78 5.80
C PRO A 123 -16.93 -16.90 5.28
N VAL A 124 -17.51 -17.66 6.20
CA VAL A 124 -18.49 -18.67 5.84
C VAL A 124 -19.70 -17.98 5.22
N PRO A 125 -20.13 -18.44 4.03
CA PRO A 125 -21.28 -17.88 3.33
C PRO A 125 -22.54 -17.81 4.21
N ASP A 126 -23.40 -16.85 3.94
CA ASP A 126 -24.56 -16.58 4.80
C ASP A 126 -25.56 -17.74 4.80
N ASP A 127 -25.74 -18.38 3.66
CA ASP A 127 -26.74 -19.44 3.53
C ASP A 127 -26.11 -20.83 3.52
N CYS A 128 -25.56 -21.23 4.67
CA CYS A 128 -24.99 -22.56 4.83
C CYS A 128 -25.76 -23.36 5.87
N PRO A 129 -25.80 -24.71 5.70
CA PRO A 129 -26.47 -25.60 6.65
C PRO A 129 -26.05 -25.39 8.10
N THR A 130 -24.75 -25.31 8.35
CA THR A 130 -24.23 -25.10 9.70
C THR A 130 -23.46 -23.77 9.77
N PRO A 131 -23.27 -23.23 10.98
CA PRO A 131 -22.53 -21.98 11.14
C PRO A 131 -21.11 -22.01 10.56
N LEU A 132 -20.51 -23.20 10.47
CA LEU A 132 -19.15 -23.33 9.97
C LEU A 132 -19.12 -23.80 8.52
N GLY A 133 -20.28 -24.12 7.97
CA GLY A 133 -20.37 -24.58 6.60
C GLY A 133 -21.36 -25.73 6.45
N VAL A 134 -20.87 -26.95 6.60
CA VAL A 134 -21.71 -28.13 6.54
C VAL A 134 -21.46 -29.03 7.75
N LYS A 135 -20.32 -28.83 8.40
CA LYS A 135 -19.92 -29.67 9.54
C LYS A 135 -20.46 -29.13 10.86
N GLY A 136 -20.67 -30.03 11.82
CA GLY A 136 -21.13 -29.65 13.14
C GLY A 136 -22.63 -29.60 13.26
N LYS A 137 -23.11 -29.21 14.44
CA LYS A 137 -24.54 -29.06 14.68
C LYS A 137 -25.05 -27.77 14.08
N LYS A 138 -26.37 -27.61 14.01
CA LYS A 138 -26.98 -26.44 13.41
C LYS A 138 -26.72 -25.18 14.25
N GLN A 139 -26.43 -25.40 15.53
CA GLN A 139 -26.16 -24.30 16.45
C GLN A 139 -24.86 -24.54 17.22
N LEU A 140 -24.01 -23.52 17.28
CA LEU A 140 -22.75 -23.62 18.00
C LEU A 140 -22.98 -23.64 19.51
N PRO A 141 -22.09 -24.31 20.26
CA PRO A 141 -22.25 -24.40 21.72
C PRO A 141 -22.17 -23.04 22.40
N ASP A 142 -22.82 -22.91 23.55
CA ASP A 142 -22.83 -21.67 24.31
C ASP A 142 -21.41 -21.22 24.63
N SER A 143 -21.07 -20.00 24.24
CA SER A 143 -19.71 -19.49 24.37
C SER A 143 -19.25 -19.44 25.82
N ASN A 144 -20.18 -19.17 26.73
CA ASN A 144 -19.84 -19.11 28.15
C ASN A 144 -19.54 -20.50 28.71
N GLU A 145 -20.21 -21.51 28.18
CA GLU A 145 -19.94 -22.89 28.59
C GLU A 145 -18.55 -23.34 28.14
N ILE A 146 -18.16 -22.91 26.95
CA ILE A 146 -16.83 -23.20 26.43
C ILE A 146 -15.75 -22.59 27.32
N VAL A 147 -15.93 -21.33 27.68
CA VAL A 147 -14.99 -20.63 28.54
C VAL A 147 -14.87 -21.31 29.91
N GLU A 148 -16.00 -21.66 30.50
CA GLU A 148 -16.03 -22.25 31.84
C GLU A 148 -15.45 -23.65 31.90
N LYS A 149 -15.79 -24.49 30.93
CA LYS A 149 -15.41 -25.89 30.97
C LYS A 149 -13.98 -26.13 30.48
N LEU A 150 -13.49 -25.26 29.60
CA LEU A 150 -12.22 -25.52 28.92
C LEU A 150 -11.13 -24.48 29.18
N LEU A 151 -11.53 -23.23 29.38
CA LEU A 151 -10.56 -22.13 29.34
C LEU A 151 -10.24 -21.49 30.69
N LEU A 152 -11.19 -21.50 31.60
CA LEU A 152 -11.01 -20.81 32.88
C LEU A 152 -9.94 -21.44 33.76
N ARG A 153 -9.11 -20.59 34.37
CA ARG A 153 -8.03 -21.03 35.23
C ARG A 153 -8.53 -21.56 36.57
N ARG A 154 -8.17 -22.79 36.88
CA ARG A 154 -8.40 -23.35 38.21
C ARG A 154 -7.22 -23.00 39.09
N LYS A 155 -6.07 -23.62 38.78
CA LYS A 155 -4.82 -23.28 39.44
C LYS A 155 -3.87 -22.68 38.41
N PHE A 156 -3.13 -21.65 38.83
CA PHE A 156 -2.21 -20.95 37.93
C PHE A 156 -1.17 -21.88 37.34
N ILE A 157 -1.13 -21.94 36.00
CA ILE A 157 -0.14 -22.74 35.30
C ILE A 157 0.93 -21.84 34.70
N PRO A 158 2.12 -21.82 35.31
CA PRO A 158 3.23 -20.96 34.87
C PRO A 158 3.84 -21.42 33.54
N ASP A 159 4.34 -20.46 32.78
CA ASP A 159 5.02 -20.76 31.52
C ASP A 159 6.35 -21.49 31.76
N PRO A 160 6.50 -22.69 31.17
CA PRO A 160 7.73 -23.47 31.28
C PRO A 160 8.92 -22.83 30.57
N GLN A 161 8.66 -21.86 29.70
CA GLN A 161 9.75 -21.11 29.06
C GLN A 161 10.14 -19.92 29.91
N GLY A 162 9.39 -19.71 31.00
CA GLY A 162 9.74 -18.70 31.98
C GLY A 162 9.48 -17.26 31.55
N SER A 163 8.53 -17.05 30.65
CA SER A 163 8.16 -15.69 30.24
C SER A 163 7.69 -14.89 31.46
N ASN A 164 8.08 -13.62 31.51
CA ASN A 164 7.69 -12.78 32.65
C ASN A 164 6.69 -11.70 32.26
N MET A 165 6.42 -10.80 33.19
CA MET A 165 5.47 -9.72 32.96
C MET A 165 6.02 -8.66 32.00
N MET A 166 7.34 -8.53 31.96
CA MET A 166 7.97 -7.63 31.00
C MET A 166 7.64 -8.10 29.59
N PHE A 167 7.59 -9.41 29.41
CA PHE A 167 7.21 -10.00 28.13
C PHE A 167 5.72 -9.80 27.84
N ALA A 168 4.89 -10.10 28.83
CA ALA A 168 3.43 -10.04 28.66
C ALA A 168 2.98 -8.64 28.28
N PHE A 169 3.53 -7.64 28.95
CA PHE A 169 3.12 -6.26 28.70
C PHE A 169 3.76 -5.70 27.44
N PHE A 170 4.95 -6.17 27.10
CA PHE A 170 5.59 -5.78 25.85
C PHE A 170 4.74 -6.23 24.68
N ALA A 171 4.23 -7.46 24.78
CA ALA A 171 3.40 -8.03 23.72
C ALA A 171 2.11 -7.25 23.56
N GLN A 172 1.50 -6.87 24.68
CA GLN A 172 0.26 -6.12 24.64
C GLN A 172 0.50 -4.73 24.08
N HIS A 173 1.55 -4.07 24.56
CA HIS A 173 1.91 -2.73 24.09
C HIS A 173 2.24 -2.73 22.60
N PHE A 174 3.08 -3.68 22.18
CA PHE A 174 3.53 -3.74 20.80
C PHE A 174 2.40 -4.06 19.81
N THR A 175 1.57 -5.04 20.14
CA THR A 175 0.54 -5.49 19.20
C THR A 175 -0.66 -4.56 19.13
N HIS A 176 -0.84 -3.73 20.14
CA HIS A 176 -2.00 -2.84 20.16
C HIS A 176 -1.76 -1.55 19.41
N GLN A 177 -0.72 -1.53 18.58
CA GLN A 177 -0.56 -0.44 17.62
C GLN A 177 -1.18 -0.86 16.29
N PHE A 178 -1.37 -2.15 16.07
CA PHE A 178 -2.04 -2.62 14.87
C PHE A 178 -3.30 -3.46 15.15
N PHE A 179 -3.44 -3.93 16.40
CA PHE A 179 -4.70 -4.52 16.83
C PHE A 179 -5.51 -3.45 17.56
N LYS A 180 -6.30 -2.70 16.80
CA LYS A 180 -7.05 -1.58 17.34
C LYS A 180 -8.51 -1.65 16.87
N THR A 181 -9.21 -2.64 17.35
CA THR A 181 -10.57 -2.89 16.98
C THR A 181 -11.55 -1.74 17.26
N ASP A 182 -12.27 -1.33 16.25
CA ASP A 182 -13.26 -0.27 16.40
C ASP A 182 -14.59 -0.88 16.85
N HIS A 183 -14.68 -1.19 18.15
CA HIS A 183 -15.80 -1.96 18.69
C HIS A 183 -17.17 -1.29 18.53
N LYS A 184 -17.20 0.03 18.49
CA LYS A 184 -18.45 0.75 18.29
C LYS A 184 -18.98 0.53 16.88
N ARG A 185 -18.10 0.07 16.01
CA ARG A 185 -18.42 -0.13 14.61
C ARG A 185 -18.61 -1.61 14.29
N GLY A 186 -17.86 -2.46 14.99
CA GLY A 186 -17.91 -3.89 14.77
C GLY A 186 -16.52 -4.49 14.83
N PRO A 187 -16.42 -5.77 15.22
CA PRO A 187 -15.13 -6.45 15.35
C PRO A 187 -14.39 -6.59 14.00
N ALA A 188 -15.11 -6.40 12.91
CA ALA A 188 -14.53 -6.52 11.57
C ALA A 188 -13.70 -5.30 11.19
N PHE A 189 -13.76 -4.26 12.00
CA PHE A 189 -13.13 -2.99 11.65
C PHE A 189 -12.00 -2.57 12.59
N THR A 190 -11.02 -1.86 12.04
CA THR A 190 -9.86 -1.41 12.80
C THR A 190 -9.68 0.10 12.76
N ASN A 191 -9.08 0.65 13.80
CA ASN A 191 -8.71 2.06 13.84
C ASN A 191 -7.26 2.27 13.43
N GLY A 192 -6.52 1.18 13.26
CA GLY A 192 -5.13 1.26 12.86
C GLY A 192 -4.97 1.21 11.35
N LEU A 193 -5.18 2.35 10.69
CA LEU A 193 -5.21 2.40 9.24
C LEU A 193 -3.82 2.23 8.62
N GLY A 194 -2.78 2.31 9.44
CA GLY A 194 -1.42 2.09 8.98
C GLY A 194 -1.13 0.61 8.78
N HIS A 195 -1.92 -0.22 9.48
CA HIS A 195 -1.85 -1.67 9.36
C HIS A 195 -0.45 -2.25 9.56
N GLY A 196 0.22 -1.81 10.63
CA GLY A 196 1.54 -2.33 10.93
C GLY A 196 2.30 -1.55 11.98
N VAL A 197 3.63 -1.64 11.92
CA VAL A 197 4.50 -1.01 12.90
C VAL A 197 4.83 0.43 12.50
N ASP A 198 3.89 1.34 12.76
CA ASP A 198 4.11 2.76 12.47
C ASP A 198 4.33 3.54 13.76
N LEU A 199 4.25 2.84 14.89
CA LEU A 199 4.40 3.42 16.21
C LEU A 199 3.36 4.52 16.48
N ASN A 200 2.17 4.34 15.93
CA ASN A 200 1.07 5.26 16.18
C ASN A 200 0.64 5.21 17.65
N HIS A 201 0.96 4.12 18.34
CA HIS A 201 0.62 4.00 19.75
C HIS A 201 1.52 4.90 20.60
N ILE A 202 2.50 5.53 19.94
CA ILE A 202 3.34 6.53 20.59
C ILE A 202 3.02 7.93 20.06
N TYR A 203 2.90 8.05 18.75
CA TYR A 203 2.81 9.35 18.09
C TYR A 203 1.39 9.75 17.70
N GLY A 204 0.47 8.80 17.71
CA GLY A 204 -0.90 9.08 17.34
C GLY A 204 -1.22 8.61 15.93
N GLU A 205 -2.47 8.25 15.71
CA GLU A 205 -2.91 7.71 14.42
C GLU A 205 -2.99 8.80 13.34
N THR A 206 -3.30 10.03 13.75
CA THR A 206 -3.43 11.14 12.81
C THR A 206 -2.49 12.29 13.14
N LEU A 207 -2.29 13.19 12.18
CA LEU A 207 -1.43 14.35 12.36
C LEU A 207 -1.99 15.28 13.42
N ALA A 208 -3.32 15.42 13.44
CA ALA A 208 -3.99 16.29 14.40
C ALA A 208 -3.67 15.89 15.84
N ARG A 209 -3.65 14.58 16.09
CA ARG A 209 -3.34 14.08 17.42
C ARG A 209 -1.84 14.18 17.71
N GLN A 210 -1.03 13.95 16.69
CA GLN A 210 0.42 14.05 16.83
C GLN A 210 0.85 15.44 17.25
N ARG A 211 0.22 16.45 16.66
CA ARG A 211 0.53 17.85 16.97
C ARG A 211 0.21 18.18 18.42
N LYS A 212 -0.78 17.49 18.99
CA LYS A 212 -1.15 17.70 20.39
C LYS A 212 -0.12 17.12 21.33
N LEU A 213 0.63 16.13 20.86
CA LEU A 213 1.58 15.42 21.70
C LEU A 213 3.02 15.92 21.54
N ARG A 214 3.28 16.65 20.46
CA ARG A 214 4.63 17.13 20.17
C ARG A 214 4.95 18.45 20.87
N LEU A 215 6.23 18.63 21.19
CA LEU A 215 6.71 19.82 21.87
C LEU A 215 7.08 20.91 20.87
N PHE A 216 7.43 20.49 19.65
CA PHE A 216 7.90 21.36 18.59
C PHE A 216 9.16 22.12 19.01
N LYS A 217 9.97 21.44 19.82
CA LYS A 217 11.30 21.90 20.18
C LYS A 217 12.24 20.71 20.14
N ASP A 218 13.30 20.82 19.32
CA ASP A 218 14.32 19.79 19.19
C ASP A 218 13.76 18.43 18.76
N GLY A 219 12.60 18.44 18.12
CA GLY A 219 11.98 17.23 17.60
C GLY A 219 11.27 16.38 18.64
N LYS A 220 11.20 16.90 19.87
CA LYS A 220 10.76 16.10 21.00
C LYS A 220 9.25 16.00 21.19
N MET A 221 8.84 15.00 21.96
CA MET A 221 7.45 14.83 22.37
C MET A 221 7.25 15.48 23.73
N LYS A 222 6.05 16.02 23.96
CA LYS A 222 5.75 16.67 25.23
C LYS A 222 5.87 15.69 26.39
N TYR A 223 6.31 16.21 27.53
CA TYR A 223 6.47 15.39 28.72
C TYR A 223 6.39 16.27 29.96
N GLN A 224 6.28 15.63 31.11
CA GLN A 224 6.34 16.34 32.38
C GLN A 224 7.36 15.68 33.30
N ILE A 225 7.86 16.44 34.26
CA ILE A 225 8.79 15.92 35.25
C ILE A 225 8.08 15.65 36.57
N ILE A 226 8.07 14.38 36.98
CA ILE A 226 7.51 14.00 38.27
C ILE A 226 8.55 13.25 39.07
N ASP A 227 8.84 13.74 40.27
CA ASP A 227 9.87 13.17 41.13
C ASP A 227 11.21 13.07 40.40
N GLY A 228 11.49 14.05 39.55
CA GLY A 228 12.75 14.12 38.85
C GLY A 228 12.86 13.25 37.61
N GLU A 229 11.76 12.61 37.21
CA GLU A 229 11.77 11.72 36.06
C GLU A 229 10.76 12.12 35.00
N MET A 230 10.97 11.62 33.78
CA MET A 230 10.13 11.97 32.64
C MET A 230 8.90 11.08 32.56
N TYR A 231 7.74 11.71 32.47
CA TYR A 231 6.47 11.00 32.33
C TYR A 231 5.65 11.62 31.19
N PRO A 232 4.64 10.89 30.68
CA PRO A 232 3.77 11.48 29.66
C PRO A 232 3.02 12.70 30.18
N PRO A 233 2.62 13.61 29.27
CA PRO A 233 1.80 14.76 29.65
C PRO A 233 0.36 14.33 29.95
N THR A 234 -0.45 15.25 30.44
CA THR A 234 -1.83 14.94 30.80
C THR A 234 -2.79 15.25 29.66
N VAL A 235 -4.04 14.83 29.83
CA VAL A 235 -5.08 15.14 28.86
C VAL A 235 -5.40 16.64 28.90
N LYS A 236 -5.44 17.19 30.11
CA LYS A 236 -5.71 18.62 30.28
C LYS A 236 -4.68 19.49 29.56
N ASP A 237 -3.42 19.06 29.60
CA ASP A 237 -2.34 19.82 28.98
C ASP A 237 -2.37 19.73 27.46
N THR A 238 -2.57 18.52 26.94
CA THR A 238 -2.48 18.28 25.50
C THR A 238 -3.80 18.41 24.77
N GLN A 239 -4.91 18.27 25.49
CA GLN A 239 -6.25 18.21 24.92
C GLN A 239 -6.37 17.04 23.93
N ALA A 240 -5.57 16.00 24.15
CA ALA A 240 -5.64 14.79 23.34
C ALA A 240 -6.52 13.75 24.02
N GLU A 241 -7.52 13.27 23.29
CA GLU A 241 -8.50 12.33 23.83
C GLU A 241 -7.88 11.03 24.35
N MET A 242 -8.34 10.62 25.53
CA MET A 242 -7.96 9.34 26.12
C MET A 242 -9.19 8.66 26.70
N ILE A 243 -9.18 7.34 26.76
CA ILE A 243 -10.28 6.61 27.38
C ILE A 243 -10.01 6.38 28.86
N TYR A 244 -10.78 7.07 29.70
CA TYR A 244 -10.67 6.93 31.15
C TYR A 244 -12.05 6.91 31.82
N PRO A 245 -12.21 6.05 32.83
CA PRO A 245 -13.43 6.05 33.64
C PRO A 245 -13.49 7.31 34.51
N PRO A 246 -14.70 7.68 34.98
CA PRO A 246 -14.88 8.91 35.75
C PRO A 246 -14.03 9.00 37.02
N GLN A 247 -13.70 7.86 37.62
CA GLN A 247 -13.03 7.85 38.92
C GLN A 247 -11.53 8.17 38.83
N VAL A 248 -11.01 8.29 37.61
CA VAL A 248 -9.60 8.65 37.44
C VAL A 248 -9.43 10.17 37.46
N PRO A 249 -8.71 10.68 38.48
CA PRO A 249 -8.49 12.12 38.62
C PRO A 249 -7.70 12.70 37.45
N GLU A 250 -7.86 14.00 37.22
CA GLU A 250 -7.29 14.67 36.05
C GLU A 250 -5.77 14.52 35.94
N HIS A 251 -5.07 14.58 37.07
CA HIS A 251 -3.61 14.55 37.05
C HIS A 251 -3.09 13.13 36.78
N LEU A 252 -3.98 12.15 36.81
CA LEU A 252 -3.59 10.77 36.53
C LEU A 252 -4.05 10.34 35.14
N ARG A 253 -4.61 11.28 34.38
CA ARG A 253 -5.04 11.00 33.02
C ARG A 253 -3.95 11.34 32.02
N PHE A 254 -2.97 10.43 31.90
CA PHE A 254 -1.85 10.61 31.00
C PHE A 254 -2.28 10.50 29.54
N ALA A 255 -1.68 11.33 28.69
CA ALA A 255 -1.99 11.29 27.26
C ALA A 255 -0.84 10.69 26.47
N VAL A 256 -1.13 9.59 25.77
CA VAL A 256 -0.15 8.96 24.89
C VAL A 256 -0.78 8.71 23.52
N GLY A 257 0.02 8.12 22.62
CA GLY A 257 -0.43 7.89 21.25
C GLY A 257 -1.67 7.01 21.17
N GLN A 258 -1.69 5.94 21.94
CA GLN A 258 -2.81 5.01 21.93
C GLN A 258 -3.83 5.35 23.01
N GLU A 259 -5.08 5.57 22.60
CA GLU A 259 -6.13 6.08 23.46
C GLU A 259 -6.49 5.17 24.63
N VAL A 260 -6.18 3.88 24.53
CA VAL A 260 -6.59 2.93 25.57
C VAL A 260 -5.47 2.55 26.53
N PHE A 261 -4.27 3.09 26.34
CA PHE A 261 -3.12 2.64 27.12
C PHE A 261 -3.16 3.10 28.57
N GLY A 262 -4.17 3.88 28.94
CA GLY A 262 -4.37 4.25 30.33
C GLY A 262 -5.08 3.16 31.10
N LEU A 263 -5.50 2.12 30.38
CA LEU A 263 -6.24 1.00 30.97
C LEU A 263 -5.40 0.20 31.95
N VAL A 264 -4.13 -0.01 31.62
CA VAL A 264 -3.24 -0.84 32.43
C VAL A 264 -1.92 -0.12 32.70
N PRO A 265 -1.50 -0.08 33.97
CA PRO A 265 -0.21 0.54 34.34
C PRO A 265 0.97 -0.09 33.61
N GLY A 266 0.87 -1.37 33.27
CA GLY A 266 1.90 -2.05 32.51
C GLY A 266 2.08 -1.48 31.11
N LEU A 267 0.97 -1.05 30.52
CA LEU A 267 1.02 -0.42 29.19
C LEU A 267 1.59 0.99 29.29
N MET A 268 1.22 1.71 30.33
CA MET A 268 1.68 3.07 30.54
C MET A 268 3.17 3.09 30.88
N MET A 269 3.66 1.97 31.43
CA MET A 269 5.09 1.82 31.69
C MET A 269 5.88 1.85 30.40
N TYR A 270 5.51 1.00 29.45
CA TYR A 270 6.19 0.94 28.16
C TYR A 270 5.96 2.21 27.35
N ALA A 271 4.79 2.82 27.54
CA ALA A 271 4.50 4.09 26.88
C ALA A 271 5.47 5.16 27.38
N THR A 272 5.75 5.14 28.68
CA THR A 272 6.68 6.08 29.29
C THR A 272 8.10 5.83 28.80
N ILE A 273 8.49 4.55 28.77
CA ILE A 273 9.82 4.15 28.32
C ILE A 273 10.09 4.57 26.87
N TRP A 274 9.13 4.30 25.98
CA TRP A 274 9.31 4.65 24.56
C TRP A 274 9.27 6.15 24.34
N LEU A 275 8.51 6.85 25.16
CA LEU A 275 8.48 8.31 25.13
C LEU A 275 9.86 8.87 25.45
N ARG A 276 10.48 8.36 26.52
CA ARG A 276 11.82 8.75 26.92
C ARG A 276 12.84 8.46 25.81
N GLU A 277 12.66 7.31 25.14
CA GLU A 277 13.59 6.89 24.08
C GLU A 277 13.54 7.84 22.89
N HIS A 278 12.35 8.34 22.58
CA HIS A 278 12.20 9.30 21.48
C HIS A 278 13.01 10.56 21.77
N ASN A 279 12.79 11.13 22.95
CA ASN A 279 13.48 12.36 23.35
C ASN A 279 14.98 12.14 23.52
N ARG A 280 15.37 10.90 23.85
CA ARG A 280 16.78 10.56 23.95
C ARG A 280 17.45 10.60 22.58
N VAL A 281 16.78 10.00 21.59
CA VAL A 281 17.30 9.96 20.23
C VAL A 281 17.36 11.37 19.64
N CYS A 282 16.39 12.21 19.99
CA CYS A 282 16.40 13.62 19.60
C CYS A 282 17.67 14.31 20.07
N ASP A 283 18.10 14.02 21.29
CA ASP A 283 19.33 14.59 21.84
C ASP A 283 20.55 14.12 21.08
N VAL A 284 20.57 12.84 20.71
CA VAL A 284 21.66 12.28 19.92
C VAL A 284 21.74 12.94 18.55
N LEU A 285 20.60 13.01 17.86
CA LEU A 285 20.54 13.59 16.52
C LEU A 285 20.89 15.07 16.50
N LYS A 286 20.45 15.79 17.53
CA LYS A 286 20.74 17.22 17.61
C LYS A 286 22.24 17.47 17.77
N GLN A 287 22.90 16.58 18.50
CA GLN A 287 24.35 16.65 18.68
C GLN A 287 25.06 16.38 17.36
N GLU A 288 24.43 15.56 16.52
CA GLU A 288 25.00 15.22 15.22
C GLU A 288 24.64 16.25 14.16
N HIS A 289 23.45 16.83 14.29
CA HIS A 289 22.98 17.81 13.32
C HIS A 289 22.50 19.09 13.98
N PRO A 290 23.43 19.99 14.33
CA PRO A 290 23.07 21.28 14.93
C PRO A 290 22.27 22.16 13.96
N GLU A 291 22.34 21.84 12.68
CA GLU A 291 21.69 22.63 11.64
C GLU A 291 20.24 22.21 11.40
N TRP A 292 19.85 21.04 11.92
CA TRP A 292 18.51 20.52 11.70
C TRP A 292 17.45 21.29 12.49
N GLY A 293 16.25 21.38 11.91
CA GLY A 293 15.12 21.99 12.58
C GLY A 293 14.29 20.95 13.32
N ASP A 294 13.29 21.42 14.06
CA ASP A 294 12.44 20.55 14.88
C ASP A 294 11.76 19.44 14.08
N GLU A 295 11.24 19.77 12.91
CA GLU A 295 10.48 18.81 12.11
C GLU A 295 11.34 17.63 11.67
N GLN A 296 12.55 17.91 11.18
CA GLN A 296 13.43 16.84 10.70
C GLN A 296 13.91 15.97 11.85
N LEU A 297 14.17 16.61 12.99
CA LEU A 297 14.59 15.89 14.19
C LEU A 297 13.50 14.93 14.67
N PHE A 298 12.25 15.39 14.66
CA PHE A 298 11.13 14.54 15.07
C PHE A 298 10.96 13.35 14.12
N GLN A 299 10.94 13.62 12.83
CA GLN A 299 10.65 12.58 11.83
C GLN A 299 11.77 11.53 11.77
N THR A 300 13.01 11.97 11.93
CA THR A 300 14.15 11.07 11.86
C THR A 300 14.20 10.16 13.08
N SER A 301 13.88 10.72 14.24
CA SER A 301 13.81 9.96 15.47
C SER A 301 12.73 8.88 15.40
N ARG A 302 11.60 9.21 14.80
CA ARG A 302 10.51 8.26 14.64
C ARG A 302 10.94 7.06 13.81
N LEU A 303 11.65 7.31 12.71
CA LEU A 303 12.15 6.24 11.84
C LEU A 303 13.14 5.35 12.58
N ILE A 304 13.98 5.96 13.41
CA ILE A 304 14.94 5.21 14.21
C ILE A 304 14.23 4.31 15.23
N LEU A 305 13.20 4.83 15.89
CA LEU A 305 12.45 4.04 16.86
C LEU A 305 11.71 2.87 16.21
N ILE A 306 11.24 3.08 14.98
CA ILE A 306 10.64 2.00 14.21
C ILE A 306 11.68 0.90 13.97
N GLY A 307 12.91 1.33 13.65
CA GLY A 307 14.01 0.41 13.47
C GLY A 307 14.31 -0.37 14.73
N GLU A 308 14.40 0.34 15.86
CA GLU A 308 14.66 -0.29 17.16
C GLU A 308 13.59 -1.31 17.49
N THR A 309 12.34 -0.94 17.26
CA THR A 309 11.21 -1.79 17.57
C THR A 309 11.29 -3.12 16.84
N ILE A 310 11.53 -3.06 15.52
CA ILE A 310 11.62 -4.28 14.72
C ILE A 310 12.82 -5.13 15.16
N LYS A 311 13.93 -4.46 15.45
CA LYS A 311 15.14 -5.14 15.92
C LYS A 311 14.89 -5.91 17.21
N ILE A 312 14.29 -5.24 18.19
CA ILE A 312 13.99 -5.86 19.48
C ILE A 312 12.97 -6.98 19.35
N VAL A 313 11.96 -6.78 18.51
CA VAL A 313 10.91 -7.77 18.35
C VAL A 313 11.46 -9.07 17.75
N ILE A 314 12.34 -8.95 16.76
CA ILE A 314 12.92 -10.13 16.13
C ILE A 314 13.96 -10.81 17.02
N GLU A 315 14.95 -10.06 17.49
CA GLU A 315 16.11 -10.66 18.12
C GLU A 315 15.97 -10.89 19.63
N ASP A 316 14.94 -10.33 20.24
CA ASP A 316 14.68 -10.56 21.67
C ASP A 316 13.32 -11.21 21.90
N TYR A 317 12.28 -10.61 21.33
CA TYR A 317 10.90 -11.03 21.58
C TYR A 317 10.60 -12.39 20.94
N VAL A 318 10.71 -12.46 19.62
CA VAL A 318 10.47 -13.71 18.89
C VAL A 318 11.53 -14.75 19.26
N GLN A 319 12.76 -14.30 19.50
CA GLN A 319 13.85 -15.19 19.92
C GLN A 319 13.49 -15.94 21.19
N HIS A 320 12.99 -15.21 22.19
CA HIS A 320 12.55 -15.82 23.45
C HIS A 320 11.39 -16.79 23.21
N LEU A 321 10.40 -16.34 22.44
CA LEU A 321 9.21 -17.14 22.15
C LEU A 321 9.52 -18.46 21.48
N SER A 322 10.44 -18.42 20.51
CA SER A 322 10.75 -19.59 19.70
C SER A 322 11.37 -20.71 20.51
N GLY A 323 12.32 -20.35 21.38
CA GLY A 323 13.07 -21.35 22.13
C GLY A 323 14.15 -21.98 21.27
N TYR A 324 14.45 -21.35 20.15
CA TYR A 324 15.46 -21.86 19.22
C TYR A 324 16.86 -21.63 19.75
N HIS A 325 17.78 -22.50 19.34
CA HIS A 325 19.20 -22.28 19.62
C HIS A 325 19.80 -21.43 18.51
N PHE A 326 19.17 -21.46 17.35
CA PHE A 326 19.56 -20.61 16.23
C PHE A 326 19.25 -19.16 16.58
N LYS A 327 20.21 -18.27 16.33
CA LYS A 327 20.04 -16.87 16.68
C LYS A 327 19.42 -16.08 15.52
N LEU A 328 18.17 -15.66 15.72
CA LEU A 328 17.45 -14.89 14.71
C LEU A 328 18.13 -13.55 14.45
N LYS A 329 17.90 -12.99 13.27
CA LYS A 329 18.59 -11.78 12.85
C LYS A 329 17.66 -10.80 12.13
N PHE A 330 17.71 -9.54 12.54
CA PHE A 330 17.02 -8.49 11.79
C PHE A 330 17.98 -7.86 10.80
N ASP A 331 17.75 -8.13 9.52
CA ASP A 331 18.61 -7.63 8.46
C ASP A 331 17.83 -7.54 7.15
N PRO A 332 17.34 -6.34 6.81
CA PRO A 332 16.59 -6.09 5.57
C PRO A 332 17.33 -6.52 4.30
N GLU A 333 18.65 -6.51 4.34
CA GLU A 333 19.44 -6.84 3.15
C GLU A 333 19.28 -8.31 2.73
N LEU A 334 18.82 -9.14 3.66
CA LEU A 334 18.60 -10.56 3.40
C LEU A 334 17.53 -10.80 2.34
N LEU A 335 16.67 -9.79 2.13
CA LEU A 335 15.56 -9.93 1.20
C LEU A 335 15.77 -9.18 -0.12
N PHE A 336 16.90 -8.50 -0.25
CA PHE A 336 17.13 -7.62 -1.40
C PHE A 336 17.27 -8.37 -2.73
N ASN A 337 17.60 -9.66 -2.65
CA ASN A 337 17.69 -10.49 -3.84
C ASN A 337 16.55 -11.50 -3.92
N LYS A 338 15.49 -11.24 -3.16
CA LYS A 338 14.35 -12.14 -3.09
C LYS A 338 13.07 -11.45 -3.55
N GLN A 339 12.07 -12.23 -3.92
CA GLN A 339 10.75 -11.68 -4.22
C GLN A 339 10.02 -11.40 -2.91
N PHE A 340 9.74 -10.14 -2.64
CA PHE A 340 9.08 -9.76 -1.39
C PHE A 340 8.28 -8.47 -1.53
N GLN A 341 7.06 -8.49 -1.02
CA GLN A 341 6.19 -7.32 -1.06
C GLN A 341 6.34 -6.47 0.19
N TYR A 342 6.75 -5.21 0.00
CA TYR A 342 6.89 -4.30 1.14
C TYR A 342 5.58 -3.60 1.46
N GLN A 343 4.62 -4.39 1.91
CA GLN A 343 3.34 -3.87 2.37
C GLN A 343 2.71 -4.88 3.32
N ASN A 344 1.65 -4.47 4.00
CA ASN A 344 1.05 -5.29 5.04
C ASN A 344 -0.39 -4.87 5.34
N ARG A 345 -1.27 -5.84 5.49
CA ARG A 345 -2.64 -5.61 5.92
C ARG A 345 -2.93 -6.54 7.09
N ILE A 346 -3.36 -5.99 8.22
CA ILE A 346 -3.57 -6.78 9.42
C ILE A 346 -4.80 -7.68 9.30
N ALA A 347 -4.59 -8.97 9.51
CA ALA A 347 -5.66 -9.96 9.41
C ALA A 347 -6.43 -10.12 10.71
N ALA A 348 -7.73 -10.34 10.60
CA ALA A 348 -8.58 -10.54 11.76
C ALA A 348 -8.16 -11.77 12.57
N GLU A 349 -7.76 -12.83 11.87
CA GLU A 349 -7.37 -14.07 12.53
C GLU A 349 -6.04 -13.93 13.27
N PHE A 350 -5.19 -13.03 12.76
CA PHE A 350 -3.94 -12.70 13.44
C PHE A 350 -4.24 -12.05 14.78
N ASN A 351 -5.27 -11.22 14.79
CA ASN A 351 -5.76 -10.58 16.00
C ASN A 351 -6.28 -11.60 17.01
N THR A 352 -7.18 -12.47 16.56
CA THR A 352 -7.77 -13.49 17.41
C THR A 352 -6.71 -14.43 17.99
N LEU A 353 -5.78 -14.84 17.14
CA LEU A 353 -4.66 -15.68 17.52
C LEU A 353 -3.84 -15.07 18.65
N TYR A 354 -3.78 -13.76 18.69
CA TYR A 354 -2.94 -13.04 19.64
C TYR A 354 -3.64 -12.71 20.95
N HIS A 355 -4.81 -13.30 21.18
CA HIS A 355 -5.51 -13.11 22.44
C HIS A 355 -4.90 -14.01 23.51
N TRP A 356 -3.73 -13.63 24.00
CA TRP A 356 -2.97 -14.44 24.93
C TRP A 356 -3.30 -14.14 26.38
N HIS A 357 -4.59 -14.10 26.73
N HIS A 357 -4.61 -14.09 26.66
CA HIS A 357 -4.95 -13.76 28.09
CA HIS A 357 -5.15 -13.87 28.01
C HIS A 357 -4.62 -14.80 29.18
C HIS A 357 -4.51 -14.76 29.09
N PRO A 358 -4.27 -16.05 28.81
CA PRO A 358 -3.66 -16.89 29.86
C PRO A 358 -2.31 -16.38 30.38
N LEU A 359 -1.61 -15.53 29.64
CA LEU A 359 -0.36 -14.93 30.11
C LEU A 359 -0.54 -14.18 31.43
N LEU A 360 -1.72 -13.58 31.58
CA LEU A 360 -2.03 -12.76 32.75
C LEU A 360 -2.00 -13.57 34.04
N PRO A 361 -1.44 -12.98 35.11
CA PRO A 361 -1.30 -13.63 36.41
C PRO A 361 -2.53 -13.48 37.30
N ASP A 362 -2.52 -14.09 38.48
CA ASP A 362 -3.62 -13.95 39.43
C ASP A 362 -3.58 -12.58 40.08
N THR A 363 -2.39 -12.16 40.48
CA THR A 363 -2.18 -10.82 41.03
C THR A 363 -0.93 -10.18 40.43
N PHE A 364 -0.86 -8.86 40.51
CA PHE A 364 0.29 -8.12 40.02
C PHE A 364 1.20 -7.72 41.18
N GLN A 365 2.38 -8.31 41.23
CA GLN A 365 3.32 -8.03 42.31
C GLN A 365 4.28 -6.91 41.94
N ILE A 366 4.20 -5.80 42.66
CA ILE A 366 5.12 -4.69 42.49
C ILE A 366 5.78 -4.37 43.83
N HIS A 367 7.09 -4.52 43.88
CA HIS A 367 7.86 -4.43 45.12
C HIS A 367 7.29 -5.37 46.17
N ASP A 368 6.76 -4.80 47.26
CA ASP A 368 6.22 -5.61 48.35
C ASP A 368 4.70 -5.62 48.34
N GLN A 369 4.10 -5.15 47.25
CA GLN A 369 2.66 -5.03 47.17
C GLN A 369 2.04 -5.99 46.16
N LYS A 370 0.83 -6.43 46.46
CA LYS A 370 0.04 -7.26 45.55
C LYS A 370 -1.24 -6.55 45.16
N TYR A 371 -1.50 -6.46 43.86
CA TYR A 371 -2.71 -5.82 43.36
C TYR A 371 -3.58 -6.80 42.59
N ASN A 372 -4.86 -6.85 42.93
CA ASN A 372 -5.81 -7.61 42.12
C ASN A 372 -6.22 -6.78 40.90
N TYR A 373 -7.12 -7.30 40.08
CA TYR A 373 -7.49 -6.62 38.85
C TYR A 373 -8.28 -5.34 39.11
N GLN A 374 -9.11 -5.35 40.14
CA GLN A 374 -9.87 -4.16 40.52
C GLN A 374 -8.94 -3.02 40.93
N GLN A 375 -7.87 -3.37 41.65
CA GLN A 375 -6.92 -2.39 42.15
C GLN A 375 -5.94 -1.92 41.08
N PHE A 376 -5.69 -2.77 40.09
CA PHE A 376 -4.64 -2.52 39.11
C PHE A 376 -5.14 -1.76 37.89
N ILE A 377 -6.30 -2.15 37.38
CA ILE A 377 -6.87 -1.56 36.17
C ILE A 377 -7.13 -0.06 36.34
N TYR A 378 -6.72 0.70 35.32
CA TYR A 378 -6.91 2.16 35.28
C TYR A 378 -6.31 2.90 36.47
N ASN A 379 -5.32 2.30 37.11
CA ASN A 379 -4.71 2.91 38.30
C ASN A 379 -3.28 3.38 38.03
N ASN A 380 -3.14 4.58 37.47
CA ASN A 380 -1.82 5.13 37.18
C ASN A 380 -1.11 5.65 38.42
N SER A 381 -1.83 5.70 39.55
CA SER A 381 -1.23 6.09 40.82
C SER A 381 -0.17 5.08 41.23
N ILE A 382 -0.40 3.81 40.87
CA ILE A 382 0.54 2.73 41.17
C ILE A 382 1.87 2.96 40.45
N LEU A 383 1.79 3.48 39.23
CA LEU A 383 2.98 3.75 38.43
C LEU A 383 3.83 4.85 39.06
N LEU A 384 3.17 5.92 39.49
CA LEU A 384 3.89 7.04 40.09
C LEU A 384 4.43 6.70 41.48
N GLU A 385 3.71 5.86 42.21
CA GLU A 385 4.12 5.47 43.55
C GLU A 385 5.43 4.69 43.55
N HIS A 386 5.54 3.73 42.65
CA HIS A 386 6.70 2.84 42.63
C HIS A 386 7.78 3.34 41.67
N GLY A 387 7.37 3.96 40.58
CA GLY A 387 8.32 4.41 39.57
C GLY A 387 8.64 3.30 38.58
N ILE A 388 9.21 3.68 37.44
CA ILE A 388 9.48 2.74 36.36
C ILE A 388 10.57 1.73 36.76
N THR A 389 11.55 2.18 37.54
CA THR A 389 12.63 1.31 37.99
C THR A 389 12.10 0.13 38.80
N GLN A 390 11.20 0.41 39.74
CA GLN A 390 10.61 -0.64 40.56
C GLN A 390 9.70 -1.53 39.72
N PHE A 391 9.04 -0.94 38.72
CA PHE A 391 8.18 -1.68 37.81
C PHE A 391 8.98 -2.71 37.01
N VAL A 392 10.12 -2.29 36.47
CA VAL A 392 10.98 -3.16 35.68
C VAL A 392 11.52 -4.31 36.52
N GLU A 393 12.04 -3.99 37.70
CA GLU A 393 12.61 -4.99 38.59
C GLU A 393 11.57 -6.03 39.04
N SER A 394 10.35 -5.58 39.29
CA SER A 394 9.28 -6.47 39.75
C SER A 394 8.78 -7.36 38.62
N PHE A 395 8.50 -6.76 37.47
CA PHE A 395 7.92 -7.48 36.34
C PHE A 395 8.91 -8.43 35.68
N THR A 396 10.20 -8.13 35.82
CA THR A 396 11.24 -9.01 35.29
C THR A 396 11.24 -10.34 36.06
N ARG A 397 10.84 -10.29 37.33
CA ARG A 397 10.92 -11.45 38.20
C ARG A 397 9.59 -12.19 38.39
N GLN A 398 8.49 -11.61 37.93
CA GLN A 398 7.19 -12.26 38.05
C GLN A 398 6.86 -13.07 36.80
N ILE A 399 6.65 -14.37 36.98
CA ILE A 399 6.43 -15.28 35.87
C ILE A 399 5.04 -15.12 35.25
N ALA A 400 4.94 -15.38 33.94
CA ALA A 400 3.67 -15.32 33.24
C ALA A 400 3.05 -16.72 33.16
N GLY A 401 1.80 -16.78 32.72
CA GLY A 401 1.09 -18.04 32.60
C GLY A 401 1.29 -18.71 31.26
N ARG A 402 1.08 -20.02 31.22
CA ARG A 402 1.16 -20.78 29.97
C ARG A 402 -0.06 -20.52 29.10
N VAL A 403 0.15 -20.35 27.80
CA VAL A 403 -0.93 -19.98 26.88
C VAL A 403 -1.69 -21.21 26.38
N ALA A 404 -0.96 -22.22 25.91
CA ALA A 404 -1.58 -23.46 25.46
C ALA A 404 -1.75 -24.43 26.62
N GLY A 405 -2.54 -25.48 26.42
CA GLY A 405 -2.74 -26.48 27.45
C GLY A 405 -4.08 -26.39 28.15
N GLY A 406 -4.81 -25.31 27.89
CA GLY A 406 -6.16 -25.14 28.43
C GLY A 406 -6.23 -24.75 29.89
N ARG A 407 -7.41 -24.29 30.31
CA ARG A 407 -7.72 -23.96 31.70
C ARG A 407 -6.68 -23.07 32.37
N ASN A 408 -6.41 -21.92 31.79
CA ASN A 408 -5.45 -20.99 32.38
C ASN A 408 -5.81 -19.52 32.16
N VAL A 409 -7.06 -19.27 31.79
CA VAL A 409 -7.55 -17.90 31.64
C VAL A 409 -8.09 -17.40 32.98
N PRO A 410 -7.56 -16.26 33.46
CA PRO A 410 -8.03 -15.68 34.73
C PRO A 410 -9.51 -15.34 34.68
N PRO A 411 -10.26 -15.74 35.71
CA PRO A 411 -11.70 -15.44 35.80
C PRO A 411 -11.99 -13.94 35.72
N ALA A 412 -11.01 -13.12 36.05
CA ALA A 412 -11.15 -11.66 35.98
C ALA A 412 -11.41 -11.18 34.55
N VAL A 413 -10.88 -11.90 33.57
CA VAL A 413 -11.08 -11.53 32.17
C VAL A 413 -11.92 -12.56 31.42
N GLN A 414 -12.84 -13.19 32.15
CA GLN A 414 -13.70 -14.24 31.59
C GLN A 414 -14.52 -13.75 30.41
N LYS A 415 -15.10 -12.56 30.54
CA LYS A 415 -15.96 -12.01 29.50
C LYS A 415 -15.18 -11.62 28.25
N VAL A 416 -13.91 -11.27 28.42
CA VAL A 416 -13.04 -10.97 27.29
C VAL A 416 -12.84 -12.24 26.45
N SER A 417 -12.65 -13.36 27.15
CA SER A 417 -12.48 -14.66 26.50
C SER A 417 -13.75 -15.06 25.76
N GLN A 418 -14.90 -14.79 26.38
CA GLN A 418 -16.19 -15.07 25.75
C GLN A 418 -16.41 -14.16 24.53
N ALA A 419 -15.96 -12.92 24.65
CA ALA A 419 -16.09 -11.94 23.57
C ALA A 419 -15.28 -12.35 22.35
N SER A 420 -14.13 -12.98 22.58
CA SER A 420 -13.28 -13.45 21.49
C SER A 420 -14.02 -14.50 20.66
N ILE A 421 -14.72 -15.39 21.35
CA ILE A 421 -15.51 -16.44 20.71
C ILE A 421 -16.70 -15.84 19.96
N ASP A 422 -17.42 -14.95 20.63
CA ASP A 422 -18.61 -14.34 20.04
C ASP A 422 -18.28 -13.49 18.82
N GLN A 423 -17.18 -12.74 18.88
CA GLN A 423 -16.78 -11.90 17.77
C GLN A 423 -16.35 -12.75 16.56
N SER A 424 -15.70 -13.88 16.82
CA SER A 424 -15.27 -14.78 15.77
CA SER A 424 -15.27 -14.77 15.76
CA SER A 424 -15.27 -14.79 15.77
C SER A 424 -16.47 -15.33 15.00
N ARG A 425 -17.55 -15.65 15.73
CA ARG A 425 -18.76 -16.17 15.12
C ARG A 425 -19.48 -15.06 14.36
N GLN A 426 -19.48 -13.87 14.96
CA GLN A 426 -20.07 -12.69 14.33
C GLN A 426 -19.37 -12.37 13.01
N MET A 427 -18.07 -12.65 12.95
CA MET A 427 -17.29 -12.43 11.74
C MET A 427 -17.28 -13.66 10.85
N LYS A 428 -18.02 -14.69 11.26
CA LYS A 428 -18.20 -15.92 10.50
C LYS A 428 -16.87 -16.59 10.15
N TYR A 429 -16.04 -16.80 11.18
CA TYR A 429 -14.80 -17.56 11.02
C TYR A 429 -15.07 -18.98 10.57
N GLN A 430 -14.15 -19.54 9.78
CA GLN A 430 -14.18 -20.96 9.48
C GLN A 430 -13.58 -21.74 10.65
N SER A 431 -13.66 -23.06 10.59
CA SER A 431 -13.24 -23.90 11.71
C SER A 431 -11.73 -23.92 11.93
N PHE A 432 -11.32 -24.52 13.04
CA PHE A 432 -9.91 -24.65 13.40
C PHE A 432 -9.13 -25.47 12.38
N ASN A 433 -9.72 -26.58 11.95
CA ASN A 433 -9.06 -27.46 10.99
C ASN A 433 -8.93 -26.84 9.60
N GLU A 434 -9.86 -25.97 9.23
CA GLU A 434 -9.78 -25.27 7.95
C GLU A 434 -8.59 -24.33 7.95
N TYR A 435 -8.34 -23.69 9.08
CA TYR A 435 -7.21 -22.78 9.19
C TYR A 435 -5.88 -23.53 9.24
N ARG A 436 -5.90 -24.73 9.80
CA ARG A 436 -4.71 -25.58 9.77
C ARG A 436 -4.33 -25.90 8.33
N LYS A 437 -5.31 -26.31 7.54
CA LYS A 437 -5.07 -26.63 6.13
C LYS A 437 -4.64 -25.40 5.33
N ARG A 438 -5.17 -24.24 5.71
CA ARG A 438 -4.83 -22.99 5.05
C ARG A 438 -3.33 -22.69 5.18
N PHE A 439 -2.74 -23.10 6.30
CA PHE A 439 -1.31 -22.89 6.52
C PHE A 439 -0.54 -24.20 6.43
N MET A 440 -1.00 -25.07 5.53
CA MET A 440 -0.31 -26.31 5.17
C MET A 440 -0.06 -27.25 6.35
N LEU A 441 -0.97 -27.24 7.33
CA LEU A 441 -0.90 -28.18 8.43
C LEU A 441 -1.93 -29.29 8.25
N LYS A 442 -1.62 -30.47 8.75
CA LYS A 442 -2.56 -31.58 8.68
C LYS A 442 -3.68 -31.37 9.69
N PRO A 443 -4.93 -31.63 9.28
CA PRO A 443 -6.08 -31.48 10.17
C PRO A 443 -6.05 -32.51 11.30
N TYR A 444 -6.44 -32.12 12.49
CA TYR A 444 -6.61 -33.08 13.58
C TYR A 444 -7.78 -34.00 13.28
N GLU A 445 -7.61 -35.29 13.57
CA GLU A 445 -8.62 -36.28 13.23
C GLU A 445 -9.50 -36.62 14.43
N SER A 446 -9.11 -36.16 15.61
CA SER A 446 -9.89 -36.40 16.82
C SER A 446 -9.57 -35.34 17.89
N PHE A 447 -10.50 -35.14 18.81
CA PHE A 447 -10.32 -34.21 19.92
C PHE A 447 -9.13 -34.62 20.77
N GLU A 448 -8.98 -35.93 20.94
CA GLU A 448 -7.90 -36.49 21.75
C GLU A 448 -6.54 -36.13 21.18
N GLU A 449 -6.44 -36.11 19.86
CA GLU A 449 -5.21 -35.75 19.17
C GLU A 449 -4.89 -34.27 19.36
N LEU A 450 -5.92 -33.43 19.33
CA LEU A 450 -5.78 -31.99 19.48
C LEU A 450 -5.22 -31.62 20.86
N THR A 451 -5.74 -32.27 21.89
CA THR A 451 -5.37 -31.92 23.27
C THR A 451 -4.27 -32.81 23.82
N GLY A 452 -4.16 -34.02 23.28
CA GLY A 452 -3.19 -34.99 23.77
C GLY A 452 -3.56 -35.47 25.17
N GLU A 453 -4.84 -35.42 25.49
CA GLU A 453 -5.34 -35.71 26.82
C GLU A 453 -6.81 -36.10 26.76
N LYS A 454 -7.26 -36.93 27.70
CA LYS A 454 -8.62 -37.49 27.64
C LYS A 454 -9.68 -36.66 28.36
N GLU A 455 -9.26 -35.69 29.16
CA GLU A 455 -10.21 -34.92 29.97
C GLU A 455 -10.94 -33.85 29.16
N MET A 456 -10.19 -32.83 28.71
CA MET A 456 -10.77 -31.73 27.96
C MET A 456 -11.30 -32.16 26.60
N SER A 457 -10.70 -33.20 26.03
CA SER A 457 -11.16 -33.74 24.75
C SER A 457 -12.57 -34.30 24.87
N ALA A 458 -12.85 -34.93 26.00
CA ALA A 458 -14.19 -35.44 26.27
C ALA A 458 -15.19 -34.29 26.39
N GLU A 459 -14.76 -33.22 27.04
CA GLU A 459 -15.57 -32.02 27.15
C GLU A 459 -15.82 -31.40 25.78
N LEU A 460 -14.76 -31.36 24.96
CA LEU A 460 -14.85 -30.85 23.60
C LEU A 460 -15.82 -31.67 22.75
N GLU A 461 -15.73 -32.98 22.86
CA GLU A 461 -16.56 -33.88 22.07
C GLU A 461 -18.04 -33.71 22.41
N ALA A 462 -18.32 -33.43 23.68
CA ALA A 462 -19.70 -33.22 24.12
C ALA A 462 -20.24 -31.90 23.57
N LEU A 463 -19.39 -30.88 23.54
CA LEU A 463 -19.79 -29.56 23.08
C LEU A 463 -19.96 -29.48 21.57
N TYR A 464 -18.93 -29.91 20.84
CA TYR A 464 -18.89 -29.73 19.39
C TYR A 464 -19.37 -30.94 18.60
N GLY A 465 -19.08 -32.14 19.11
CA GLY A 465 -19.49 -33.36 18.45
C GLY A 465 -18.56 -33.80 17.33
N ASP A 466 -18.00 -32.82 16.61
CA ASP A 466 -17.10 -33.10 15.50
C ASP A 466 -15.81 -32.30 15.65
N ILE A 467 -14.68 -32.94 15.34
CA ILE A 467 -13.38 -32.28 15.41
C ILE A 467 -13.29 -31.17 14.36
N ASP A 468 -14.05 -31.34 13.27
CA ASP A 468 -14.08 -30.35 12.21
C ASP A 468 -15.02 -29.20 12.56
N ALA A 469 -15.62 -29.27 13.74
CA ALA A 469 -16.55 -28.23 14.18
C ALA A 469 -15.94 -27.36 15.27
N VAL A 470 -14.75 -27.72 15.75
CA VAL A 470 -14.09 -26.96 16.80
C VAL A 470 -13.60 -25.62 16.23
N GLU A 471 -13.88 -24.54 16.96
CA GLU A 471 -13.56 -23.20 16.51
C GLU A 471 -12.10 -22.83 16.73
N LEU A 472 -11.65 -21.78 16.06
CA LEU A 472 -10.24 -21.38 16.06
C LEU A 472 -9.71 -20.98 17.44
N TYR A 473 -10.36 -20.02 18.08
CA TYR A 473 -9.87 -19.48 19.35
C TYR A 473 -9.85 -20.51 20.50
N PRO A 474 -10.94 -21.28 20.69
CA PRO A 474 -10.87 -22.26 21.79
C PRO A 474 -9.83 -23.35 21.58
N ALA A 475 -9.67 -23.82 20.35
CA ALA A 475 -8.75 -24.90 20.05
C ALA A 475 -7.30 -24.48 20.23
N LEU A 476 -7.01 -23.22 19.90
CA LEU A 476 -5.67 -22.66 20.08
C LEU A 476 -5.21 -22.73 21.54
N LEU A 477 -6.14 -22.45 22.45
CA LEU A 477 -5.82 -22.38 23.87
C LEU A 477 -5.80 -23.75 24.54
N VAL A 478 -6.49 -24.73 23.96
CA VAL A 478 -6.53 -26.06 24.56
C VAL A 478 -5.61 -27.05 23.85
N GLU A 479 -5.02 -26.62 22.73
CA GLU A 479 -4.11 -27.47 21.97
C GLU A 479 -2.97 -27.96 22.84
N LYS A 480 -2.52 -29.19 22.59
CA LYS A 480 -1.37 -29.73 23.30
C LYS A 480 -0.16 -28.83 23.12
N PRO A 481 0.43 -28.39 24.23
CA PRO A 481 1.65 -27.57 24.14
C PRO A 481 2.83 -28.41 23.65
N ARG A 482 3.72 -27.80 22.90
CA ARG A 482 4.97 -28.47 22.53
C ARG A 482 5.78 -28.68 23.81
N PRO A 483 6.64 -29.71 23.84
CA PRO A 483 7.39 -30.10 25.05
C PRO A 483 8.05 -28.93 25.76
N ASP A 484 7.57 -28.65 26.97
CA ASP A 484 8.09 -27.57 27.82
C ASP A 484 7.99 -26.20 27.15
N ALA A 485 7.02 -26.03 26.27
CA ALA A 485 6.85 -24.77 25.55
C ALA A 485 5.58 -24.04 25.96
N ILE A 486 5.48 -22.78 25.55
CA ILE A 486 4.35 -21.94 25.90
C ILE A 486 3.19 -22.11 24.91
N PHE A 487 3.53 -22.49 23.68
CA PHE A 487 2.54 -22.60 22.61
C PHE A 487 2.40 -24.01 22.08
N GLY A 488 1.31 -24.25 21.35
CA GLY A 488 1.16 -25.48 20.59
C GLY A 488 1.58 -25.25 19.16
N GLU A 489 1.57 -26.30 18.35
CA GLU A 489 2.01 -26.25 16.96
C GLU A 489 1.29 -25.18 16.12
N THR A 490 -0.03 -25.14 16.22
CA THR A 490 -0.83 -24.28 15.34
C THR A 490 -0.57 -22.80 15.58
N MET A 491 -0.42 -22.43 16.84
CA MET A 491 -0.14 -21.05 17.22
C MET A 491 1.11 -20.52 16.52
N VAL A 492 2.14 -21.35 16.46
CA VAL A 492 3.40 -20.96 15.86
C VAL A 492 3.33 -20.95 14.33
N GLU A 493 2.77 -22.01 13.76
CA GLU A 493 2.73 -22.18 12.31
C GLU A 493 1.80 -21.20 11.62
N VAL A 494 0.80 -20.70 12.35
CA VAL A 494 -0.11 -19.71 11.81
C VAL A 494 0.33 -18.30 12.20
N GLY A 495 0.79 -18.16 13.44
CA GLY A 495 1.20 -16.88 13.97
C GLY A 495 2.45 -16.30 13.33
N ALA A 496 3.47 -17.13 13.13
CA ALA A 496 4.75 -16.68 12.60
C ALA A 496 4.69 -16.04 11.20
N PRO A 497 3.92 -16.63 10.26
CA PRO A 497 3.81 -15.96 8.96
C PRO A 497 3.29 -14.52 9.05
N PHE A 498 2.18 -14.32 9.75
CA PHE A 498 1.64 -12.97 9.93
C PHE A 498 2.64 -12.05 10.62
N LEU A 500 6.10 -12.23 11.04
CA LEU A 500 7.31 -11.90 10.30
C LEU A 500 7.04 -11.02 9.08
N LYS A 501 5.92 -11.28 8.40
CA LYS A 501 5.53 -10.50 7.23
C LYS A 501 5.31 -9.02 7.58
N GLY A 502 4.67 -8.77 8.72
CA GLY A 502 4.43 -7.41 9.16
C GLY A 502 5.69 -6.68 9.57
N LEU A 503 6.71 -7.44 9.99
CA LEU A 503 7.97 -6.86 10.42
C LEU A 503 8.87 -6.51 9.24
N MET A 504 9.11 -7.47 8.36
CA MET A 504 10.01 -7.27 7.22
C MET A 504 9.32 -6.50 6.10
N GLY A 505 7.99 -6.51 6.12
CA GLY A 505 7.22 -5.79 5.12
C GLY A 505 7.25 -4.28 5.32
N ASN A 506 7.69 -3.86 6.50
CA ASN A 506 7.79 -2.44 6.84
C ASN A 506 8.64 -1.67 5.82
N VAL A 507 8.20 -0.46 5.49
CA VAL A 507 8.84 0.34 4.44
C VAL A 507 10.29 0.69 4.72
N ILE A 508 10.66 0.83 5.99
CA ILE A 508 12.06 1.14 6.31
C ILE A 508 12.99 -0.02 5.96
N CYS A 509 12.42 -1.20 5.73
CA CYS A 509 13.19 -2.36 5.32
C CYS A 509 13.41 -2.39 3.80
N SER A 510 12.69 -1.53 3.08
CA SER A 510 12.81 -1.46 1.64
C SER A 510 14.17 -0.87 1.24
N PRO A 511 14.71 -1.29 0.08
CA PRO A 511 16.02 -0.84 -0.41
C PRO A 511 16.18 0.68 -0.45
N ALA A 512 15.12 1.41 -0.80
CA ALA A 512 15.20 2.86 -0.89
C ALA A 512 15.31 3.52 0.48
N TYR A 513 14.87 2.82 1.52
CA TYR A 513 14.88 3.38 2.87
C TYR A 513 16.03 2.86 3.73
N TRP A 514 16.45 1.62 3.51
CA TRP A 514 17.44 1.01 4.40
C TRP A 514 18.85 1.48 4.06
N LYS A 515 19.17 2.68 4.51
CA LYS A 515 20.47 3.28 4.27
C LYS A 515 20.72 4.34 5.35
N PRO A 516 22.00 4.65 5.64
CA PRO A 516 22.33 5.56 6.75
C PRO A 516 21.67 6.94 6.67
N SER A 517 21.54 7.49 5.47
CA SER A 517 21.00 8.83 5.30
C SER A 517 19.55 8.94 5.78
N THR A 518 18.83 7.83 5.71
CA THR A 518 17.42 7.80 6.13
C THR A 518 17.32 8.06 7.64
N PHE A 519 18.32 7.61 8.39
CA PHE A 519 18.28 7.67 9.85
C PHE A 519 19.25 8.72 10.42
N GLY A 520 19.65 9.68 9.59
CA GLY A 520 20.46 10.79 10.03
C GLY A 520 21.95 10.56 10.02
N GLY A 521 22.36 9.45 9.40
CA GLY A 521 23.77 9.11 9.31
C GLY A 521 24.09 7.79 9.98
N GLU A 522 25.37 7.47 10.09
CA GLU A 522 25.80 6.21 10.69
C GLU A 522 25.42 6.09 12.16
N VAL A 523 25.29 7.23 12.84
CA VAL A 523 24.93 7.24 14.25
C VAL A 523 23.50 6.70 14.45
N GLY A 524 22.61 7.06 13.53
CA GLY A 524 21.24 6.58 13.59
C GLY A 524 21.17 5.09 13.32
N PHE A 525 21.99 4.63 12.38
CA PHE A 525 22.05 3.22 12.04
C PHE A 525 22.57 2.38 13.21
N GLN A 526 23.53 2.92 13.95
CA GLN A 526 24.12 2.19 15.07
C GLN A 526 23.14 2.05 16.23
N ILE A 527 22.28 3.05 16.42
CA ILE A 527 21.25 2.98 17.45
C ILE A 527 20.35 1.77 17.20
N ILE A 528 19.99 1.55 15.94
CA ILE A 528 19.16 0.41 15.56
C ILE A 528 19.91 -0.92 15.74
N ASN A 529 21.13 -0.98 15.25
CA ASN A 529 21.91 -2.22 15.30
C ASN A 529 22.33 -2.63 16.71
N THR A 530 22.31 -1.68 17.64
CA THR A 530 22.67 -1.98 19.02
C THR A 530 21.44 -2.04 19.91
N ALA A 531 20.26 -2.03 19.30
CA ALA A 531 19.02 -2.02 20.06
C ALA A 531 18.72 -3.38 20.68
N SER A 532 18.20 -3.35 21.90
CA SER A 532 17.79 -4.56 22.62
C SER A 532 16.81 -4.16 23.71
N ILE A 533 16.08 -5.14 24.24
CA ILE A 533 15.17 -4.88 25.35
C ILE A 533 15.96 -4.42 26.57
N GLN A 534 17.18 -4.94 26.71
CA GLN A 534 18.05 -4.54 27.81
C GLN A 534 18.49 -3.08 27.68
N SER A 535 18.94 -2.71 26.49
CA SER A 535 19.43 -1.36 26.23
C SER A 535 18.29 -0.34 26.25
N LEU A 536 17.10 -0.76 25.82
CA LEU A 536 15.94 0.12 25.85
C LEU A 536 15.66 0.57 27.29
N ILE A 537 15.71 -0.38 28.21
CA ILE A 537 15.48 -0.09 29.62
C ILE A 537 16.68 0.63 30.21
N CYS A 538 17.89 0.17 29.87
CA CYS A 538 19.10 0.77 30.42
C CYS A 538 19.24 2.24 30.03
N ASN A 539 18.89 2.56 28.79
CA ASN A 539 19.02 3.93 28.30
C ASN A 539 18.00 4.90 28.87
N ASN A 540 16.87 4.38 29.32
CA ASN A 540 15.75 5.25 29.69
C ASN A 540 15.16 5.01 31.08
N VAL A 541 15.69 4.03 31.81
CA VAL A 541 15.21 3.78 33.16
C VAL A 541 16.32 4.05 34.17
N LYS A 542 16.00 4.82 35.21
CA LYS A 542 16.96 5.23 36.22
C LYS A 542 17.63 4.05 36.91
N GLY A 543 18.97 4.08 36.95
CA GLY A 543 19.74 3.03 37.61
C GLY A 543 20.15 1.90 36.67
N CYS A 544 19.61 1.93 35.45
CA CYS A 544 19.88 0.90 34.45
C CYS A 544 19.67 -0.52 34.99
N PRO A 545 18.45 -0.84 35.44
CA PRO A 545 18.23 -2.17 36.01
C PRO A 545 18.27 -3.24 34.94
N PHE A 546 18.72 -4.44 35.30
CA PHE A 546 18.71 -5.55 34.36
C PHE A 546 17.28 -5.92 34.03
N THR A 547 17.02 -6.29 32.78
CA THR A 547 15.72 -6.80 32.41
C THR A 547 15.86 -7.88 31.36
N SER A 548 14.78 -8.61 31.15
CA SER A 548 14.74 -9.73 30.21
C SER A 548 13.29 -10.08 29.96
N PHE A 549 13.04 -10.92 28.96
CA PHE A 549 11.68 -11.38 28.69
C PHE A 549 11.42 -12.68 29.45
N SER A 550 12.44 -13.16 30.15
CA SER A 550 12.31 -14.36 30.97
C SER A 550 12.77 -14.11 32.40
N VAL A 551 12.24 -14.90 33.33
CA VAL A 551 12.63 -14.81 34.73
C VAL A 551 14.08 -15.27 34.89
N PRO A 552 14.90 -14.46 35.58
CA PRO A 552 16.31 -14.80 35.85
C PRO A 552 16.46 -16.12 36.59
N LYS B 1 21.81 28.86 4.77
CA LYS B 1 22.07 28.32 3.44
C LYS B 1 22.30 26.81 3.48
N ASN B 2 21.29 26.06 3.04
CA ASN B 2 21.35 24.61 3.05
C ASN B 2 22.47 24.09 2.16
N PRO B 3 23.36 23.26 2.72
CA PRO B 3 24.51 22.69 2.00
C PRO B 3 24.11 21.84 0.79
N CYS B 4 22.87 21.36 0.77
CA CYS B 4 22.42 20.50 -0.32
C CYS B 4 21.70 21.28 -1.43
N CYS B 5 21.77 22.60 -1.35
CA CYS B 5 21.11 23.45 -2.34
C CYS B 5 21.70 23.31 -3.75
N SER B 6 22.94 22.82 -3.82
CA SER B 6 23.60 22.65 -5.11
C SER B 6 23.26 21.30 -5.74
N HIS B 7 22.48 20.50 -5.02
CA HIS B 7 22.19 19.12 -5.42
C HIS B 7 23.46 18.37 -5.82
N PRO B 8 24.43 18.27 -4.90
CA PRO B 8 25.76 17.76 -5.27
C PRO B 8 25.80 16.25 -5.50
N CYS B 9 24.87 15.51 -4.89
CA CYS B 9 24.87 14.06 -4.99
C CYS B 9 24.31 13.58 -6.33
N GLN B 10 25.13 12.85 -7.07
CA GLN B 10 24.77 12.39 -8.40
C GLN B 10 24.31 10.95 -8.40
N ASN B 11 23.70 10.53 -9.51
CA ASN B 11 23.29 9.15 -9.74
C ASN B 11 22.42 8.58 -8.62
N ARG B 12 21.41 9.36 -8.22
CA ARG B 12 20.42 8.97 -7.21
C ARG B 12 21.02 8.75 -5.82
N GLY B 13 22.15 9.40 -5.56
CA GLY B 13 22.72 9.42 -4.22
C GLY B 13 21.89 10.34 -3.35
N VAL B 14 21.97 10.16 -2.04
CA VAL B 14 21.16 10.94 -1.12
C VAL B 14 21.99 11.99 -0.37
N CYS B 15 21.58 13.25 -0.49
CA CYS B 15 22.28 14.33 0.17
C CYS B 15 21.80 14.51 1.61
N MET B 16 22.76 14.67 2.52
CA MET B 16 22.45 14.94 3.92
C MET B 16 23.42 15.98 4.45
N SER B 17 22.90 16.98 5.15
CA SER B 17 23.74 18.00 5.75
C SER B 17 24.42 17.47 7.00
N VAL B 18 25.70 17.81 7.17
CA VAL B 18 26.42 17.51 8.39
C VAL B 18 27.10 18.79 8.86
N GLY B 19 26.37 19.60 9.63
CA GLY B 19 26.82 20.91 9.99
C GLY B 19 26.13 21.96 9.13
N PHE B 20 26.40 23.22 9.41
CA PHE B 20 25.70 24.32 8.73
C PHE B 20 26.22 24.59 7.33
N ASP B 21 27.44 24.15 7.04
CA ASP B 21 28.08 24.49 5.77
C ASP B 21 28.71 23.30 5.06
N GLN B 22 28.35 22.09 5.47
CA GLN B 22 28.90 20.89 4.85
C GLN B 22 27.82 19.83 4.60
N TYR B 23 28.05 18.99 3.60
CA TYR B 23 27.11 17.93 3.28
C TYR B 23 27.80 16.57 3.20
N LYS B 24 27.00 15.52 3.07
CA LYS B 24 27.52 14.16 2.94
C LYS B 24 26.61 13.38 2.00
N CYS B 25 27.19 12.67 1.04
CA CYS B 25 26.40 11.90 0.09
C CYS B 25 26.36 10.42 0.45
N ASP B 26 25.15 9.86 0.46
CA ASP B 26 24.93 8.44 0.68
C ASP B 26 24.90 7.70 -0.66
N CYS B 27 25.98 7.00 -0.98
CA CYS B 27 26.13 6.37 -2.28
C CYS B 27 25.68 4.91 -2.28
N THR B 28 24.94 4.52 -1.25
CA THR B 28 24.49 3.14 -1.09
C THR B 28 23.71 2.63 -2.30
N ARG B 29 24.20 1.55 -2.88
CA ARG B 29 23.57 0.86 -4.02
C ARG B 29 23.34 1.77 -5.24
N THR B 30 24.20 2.77 -5.41
CA THR B 30 24.12 3.62 -6.59
C THR B 30 24.96 3.05 -7.73
N GLY B 31 25.98 2.28 -7.37
CA GLY B 31 26.93 1.77 -8.35
C GLY B 31 28.09 2.73 -8.49
N PHE B 32 28.04 3.82 -7.73
CA PHE B 32 29.07 4.84 -7.75
C PHE B 32 29.65 5.06 -6.35
N TYR B 33 30.78 5.73 -6.28
CA TYR B 33 31.35 6.14 -5.00
C TYR B 33 32.00 7.51 -5.15
N GLY B 34 32.52 8.05 -4.06
CA GLY B 34 33.14 9.36 -4.07
C GLY B 34 32.28 10.39 -3.36
N GLU B 35 32.82 11.61 -3.24
CA GLU B 35 32.16 12.67 -2.50
C GLU B 35 30.77 13.02 -3.04
N ASN B 36 30.63 12.98 -4.37
CA ASN B 36 29.37 13.32 -5.01
C ASN B 36 28.69 12.12 -5.67
N CYS B 37 29.16 10.92 -5.33
CA CYS B 37 28.70 9.68 -5.98
C CYS B 37 28.87 9.75 -7.50
N SER B 38 30.00 10.28 -7.95
CA SER B 38 30.21 10.51 -9.37
C SER B 38 31.30 9.62 -9.96
N THR B 39 31.96 8.83 -9.12
CA THR B 39 32.97 7.90 -9.61
C THR B 39 32.40 6.49 -9.68
N PRO B 40 32.30 5.94 -10.89
CA PRO B 40 31.68 4.63 -11.11
C PRO B 40 32.57 3.45 -10.73
N GLU B 41 31.96 2.41 -10.19
CA GLU B 41 32.66 1.15 -9.93
C GLU B 41 33.02 0.51 -11.27
N PHE B 42 33.82 -0.54 -11.22
CA PHE B 42 34.23 -1.23 -12.44
C PHE B 42 33.03 -1.75 -13.22
N LEU B 43 32.15 -2.46 -12.52
CA LEU B 43 30.97 -3.03 -13.14
C LEU B 43 30.05 -1.96 -13.71
N THR B 44 30.05 -0.78 -13.09
CA THR B 44 29.20 0.31 -13.53
C THR B 44 29.66 0.87 -14.87
N ARG B 45 30.98 1.05 -15.02
CA ARG B 45 31.54 1.53 -16.27
C ARG B 45 31.23 0.61 -17.45
N ILE B 46 31.29 -0.69 -17.20
CA ILE B 46 30.99 -1.69 -18.22
C ILE B 46 29.52 -1.59 -18.65
N LYS B 47 28.63 -1.52 -17.67
CA LYS B 47 27.20 -1.41 -17.95
C LYS B 47 26.88 -0.14 -18.73
N LEU B 48 27.52 0.97 -18.36
CA LEU B 48 27.31 2.24 -19.03
C LEU B 48 27.80 2.20 -20.48
N PHE B 49 29.01 1.67 -20.67
CA PHE B 49 29.60 1.55 -21.99
C PHE B 49 28.75 0.70 -22.93
N LEU B 50 28.13 -0.33 -22.38
CA LEU B 50 27.34 -1.25 -23.19
C LEU B 50 25.88 -0.82 -23.34
N LYS B 51 25.43 0.09 -22.48
CA LYS B 51 24.06 0.58 -22.55
C LYS B 51 23.86 1.50 -23.74
N PRO B 52 22.94 1.14 -24.65
CA PRO B 52 22.60 1.99 -25.78
C PRO B 52 21.73 3.17 -25.36
N THR B 53 21.87 4.30 -26.05
CA THR B 53 21.09 5.48 -25.73
C THR B 53 19.62 5.27 -26.05
N PRO B 54 18.72 5.94 -25.31
CA PRO B 54 17.27 5.87 -25.56
C PRO B 54 16.90 6.10 -27.02
N ASN B 55 17.57 7.05 -27.67
CA ASN B 55 17.31 7.35 -29.07
C ASN B 55 17.68 6.20 -29.99
N THR B 56 18.77 5.51 -29.66
CA THR B 56 19.19 4.33 -30.40
C THR B 56 18.14 3.23 -30.30
N VAL B 57 17.73 2.93 -29.08
CA VAL B 57 16.68 1.94 -28.82
C VAL B 57 15.38 2.35 -29.51
N HIS B 58 15.07 3.65 -29.47
CA HIS B 58 13.87 4.17 -30.12
C HIS B 58 13.92 3.97 -31.63
N TYR B 59 15.09 4.18 -32.22
CA TYR B 59 15.28 3.98 -33.66
C TYR B 59 14.99 2.54 -34.05
N ILE B 60 15.52 1.61 -33.26
CA ILE B 60 15.37 0.18 -33.52
C ILE B 60 13.92 -0.27 -33.37
N LEU B 61 13.22 0.30 -32.41
CA LEU B 61 11.82 -0.05 -32.16
C LEU B 61 10.87 0.57 -33.19
N THR B 62 11.35 1.59 -33.90
CA THR B 62 10.52 2.26 -34.88
C THR B 62 10.97 1.98 -36.32
N HIS B 63 11.88 1.02 -36.46
CA HIS B 63 12.32 0.58 -37.79
C HIS B 63 12.35 -0.94 -37.86
N PHE B 64 12.83 -1.47 -38.98
CA PHE B 64 12.89 -2.91 -39.21
C PHE B 64 11.52 -3.56 -39.01
N LYS B 65 10.52 -3.01 -39.70
CA LYS B 65 9.15 -3.47 -39.60
C LYS B 65 9.02 -4.97 -39.89
N GLY B 66 9.80 -5.44 -40.87
CA GLY B 66 9.80 -6.84 -41.25
C GLY B 66 10.29 -7.75 -40.13
N PHE B 67 11.22 -7.25 -39.34
CA PHE B 67 11.75 -8.00 -38.21
C PHE B 67 10.71 -8.12 -37.09
N TRP B 68 10.10 -7.00 -36.73
CA TRP B 68 9.15 -6.97 -35.63
C TRP B 68 7.86 -7.72 -35.95
N ASN B 69 7.51 -7.80 -37.24
CA ASN B 69 6.35 -8.57 -37.66
C ASN B 69 6.45 -10.03 -37.24
N VAL B 70 7.66 -10.57 -37.34
CA VAL B 70 7.92 -11.95 -36.93
C VAL B 70 7.94 -12.08 -35.41
N VAL B 71 8.66 -11.17 -34.76
CA VAL B 71 8.75 -11.13 -33.30
C VAL B 71 7.37 -11.04 -32.64
N ASN B 72 6.51 -10.19 -33.20
CA ASN B 72 5.17 -10.00 -32.66
C ASN B 72 4.32 -11.27 -32.71
N ASN B 73 4.60 -12.14 -33.68
CA ASN B 73 3.80 -13.34 -33.87
C ASN B 73 4.45 -14.60 -33.30
N ILE B 74 5.54 -14.41 -32.55
CA ILE B 74 6.15 -15.50 -31.79
C ILE B 74 6.15 -15.12 -30.32
N PRO B 75 5.23 -15.70 -29.54
CA PRO B 75 5.01 -15.38 -28.13
C PRO B 75 6.29 -15.41 -27.29
N PHE B 76 7.13 -16.43 -27.51
CA PHE B 76 8.38 -16.57 -26.78
C PHE B 76 9.25 -15.32 -26.90
N LEU B 77 9.34 -14.78 -28.12
CA LEU B 77 10.15 -13.59 -28.37
C LEU B 77 9.46 -12.33 -27.88
N ARG B 78 8.15 -12.23 -28.14
CA ARG B 78 7.38 -11.06 -27.75
C ARG B 78 7.35 -10.90 -26.24
N ASN B 79 7.19 -12.01 -25.53
CA ASN B 79 7.16 -12.00 -24.07
C ASN B 79 8.49 -11.53 -23.48
N ALA B 80 9.59 -12.04 -24.02
CA ALA B 80 10.92 -11.71 -23.52
C ALA B 80 11.23 -10.23 -23.71
N ILE B 81 10.82 -9.68 -24.84
CA ILE B 81 11.07 -8.27 -25.14
C ILE B 81 10.19 -7.37 -24.28
N MET B 82 8.91 -7.71 -24.18
CA MET B 82 7.99 -6.93 -23.36
C MET B 82 8.41 -6.98 -21.89
N SER B 83 8.93 -8.13 -21.47
CA SER B 83 9.42 -8.30 -20.11
C SER B 83 10.57 -7.34 -19.84
N TYR B 84 11.41 -7.10 -20.85
CA TYR B 84 12.52 -6.17 -20.72
C TYR B 84 12.01 -4.73 -20.62
N VAL B 85 11.00 -4.42 -21.42
CA VAL B 85 10.43 -3.07 -21.43
C VAL B 85 9.86 -2.73 -20.05
N LEU B 86 9.18 -3.69 -19.43
CA LEU B 86 8.56 -3.47 -18.13
C LEU B 86 9.59 -3.30 -17.01
N THR B 87 10.50 -4.26 -16.89
CA THR B 87 11.45 -4.29 -15.78
C THR B 87 12.40 -3.09 -15.77
N SER B 88 12.92 -2.73 -16.93
CA SER B 88 13.91 -1.65 -17.02
C SER B 88 13.30 -0.27 -16.77
N ARG B 89 12.00 -0.14 -16.98
CA ARG B 89 11.31 1.13 -16.76
C ARG B 89 11.03 1.38 -15.28
N SER B 90 10.41 0.40 -14.63
CA SER B 90 9.92 0.58 -13.27
C SER B 90 11.02 0.72 -12.22
N HIS B 91 12.24 0.34 -12.58
CA HIS B 91 13.37 0.37 -11.64
C HIS B 91 13.78 1.80 -11.29
N LEU B 92 13.35 2.75 -12.11
CA LEU B 92 13.63 4.16 -11.87
C LEU B 92 12.64 4.78 -10.88
N ILE B 93 11.65 3.98 -10.50
CA ILE B 93 10.61 4.45 -9.58
C ILE B 93 10.86 3.97 -8.15
N ASP B 94 10.84 4.91 -7.21
CA ASP B 94 10.90 4.57 -5.80
C ASP B 94 9.57 3.95 -5.37
N SER B 95 9.63 2.69 -4.94
CA SER B 95 8.43 2.00 -4.48
C SER B 95 8.79 1.01 -3.36
N PRO B 96 8.26 1.23 -2.15
CA PRO B 96 7.34 2.27 -1.67
C PRO B 96 7.86 3.70 -1.86
N PRO B 97 6.95 4.69 -1.93
CA PRO B 97 7.33 6.07 -2.26
C PRO B 97 8.16 6.74 -1.18
N THR B 98 8.78 7.87 -1.53
CA THR B 98 9.67 8.57 -0.61
C THR B 98 9.19 10.00 -0.31
N TYR B 99 9.63 10.96 -1.11
CA TYR B 99 9.42 12.36 -0.81
C TYR B 99 8.05 12.89 -1.23
N ASN B 100 7.66 14.03 -0.66
CA ASN B 100 6.57 14.82 -1.19
C ASN B 100 6.92 16.30 -1.11
N ALA B 101 5.94 17.17 -1.34
CA ALA B 101 6.21 18.60 -1.43
C ALA B 101 6.74 19.20 -0.13
N ASP B 102 6.43 18.57 0.99
CA ASP B 102 6.82 19.11 2.30
C ASP B 102 8.06 18.44 2.90
N TYR B 103 8.56 17.40 2.24
CA TYR B 103 9.69 16.65 2.80
C TYR B 103 10.76 16.30 1.76
N GLY B 104 11.93 16.90 1.91
CA GLY B 104 13.06 16.61 1.05
C GLY B 104 13.93 15.52 1.63
N TYR B 105 13.48 14.94 2.74
CA TYR B 105 14.16 13.82 3.37
C TYR B 105 13.12 12.74 3.68
N LYS B 106 13.59 11.51 3.90
CA LYS B 106 12.68 10.40 4.22
C LYS B 106 11.96 10.64 5.54
N SER B 107 10.65 10.43 5.53
CA SER B 107 9.82 10.65 6.72
CA SER B 107 9.85 10.61 6.73
C SER B 107 8.60 9.75 6.70
N TRP B 108 8.07 9.42 7.88
CA TRP B 108 6.88 8.60 7.94
C TRP B 108 5.67 9.39 7.44
N GLU B 109 5.70 10.70 7.66
CA GLU B 109 4.63 11.57 7.19
C GLU B 109 4.54 11.53 5.67
N ALA B 110 5.70 11.59 5.02
CA ALA B 110 5.75 11.55 3.56
C ALA B 110 5.28 10.19 3.03
N PHE B 111 5.68 9.12 3.71
CA PHE B 111 5.28 7.78 3.28
C PHE B 111 3.79 7.50 3.51
N SER B 112 3.29 7.89 4.68
CA SER B 112 1.97 7.43 5.12
C SER B 112 0.80 8.31 4.68
N ASN B 113 1.04 9.59 4.46
CA ASN B 113 -0.04 10.51 4.16
C ASN B 113 -0.43 10.46 2.68
N LEU B 114 -1.54 9.77 2.39
CA LEU B 114 -1.98 9.54 1.01
C LEU B 114 -2.58 10.78 0.35
N SER B 115 -2.77 11.85 1.12
CA SER B 115 -3.37 13.08 0.58
C SER B 115 -2.37 13.86 -0.28
N TYR B 116 -1.09 13.56 -0.10
CA TYR B 116 -0.03 14.17 -0.92
C TYR B 116 0.18 13.43 -2.23
N TYR B 117 0.53 14.17 -3.28
CA TYR B 117 1.25 13.56 -4.39
C TYR B 117 2.64 13.22 -3.88
N THR B 118 3.19 12.10 -4.31
CA THR B 118 4.59 11.81 -3.98
C THR B 118 5.49 12.58 -4.95
N ARG B 119 6.80 12.46 -4.79
CA ARG B 119 7.75 13.24 -5.59
C ARG B 119 8.95 12.41 -6.03
N ALA B 120 9.25 12.45 -7.32
CA ALA B 120 10.39 11.72 -7.88
C ALA B 120 11.71 12.40 -7.47
N LEU B 121 11.66 13.72 -7.34
CA LEU B 121 12.78 14.48 -6.80
C LEU B 121 12.30 15.32 -5.61
N PRO B 122 13.11 15.36 -4.54
CA PRO B 122 12.77 16.16 -3.36
C PRO B 122 12.65 17.64 -3.70
N PRO B 123 11.85 18.39 -2.93
CA PRO B 123 11.73 19.82 -3.18
C PRO B 123 13.04 20.57 -2.95
N VAL B 124 13.23 21.67 -3.67
CA VAL B 124 14.35 22.56 -3.41
C VAL B 124 14.17 23.16 -2.01
N PRO B 125 15.23 23.12 -1.19
CA PRO B 125 15.19 23.69 0.16
C PRO B 125 14.68 25.13 0.17
N ASP B 126 14.06 25.53 1.28
CA ASP B 126 13.41 26.84 1.37
C ASP B 126 14.38 28.00 1.18
N ASP B 127 15.51 27.96 1.87
CA ASP B 127 16.49 29.05 1.80
C ASP B 127 17.69 28.67 0.93
N CYS B 128 17.57 28.90 -0.37
CA CYS B 128 18.67 28.63 -1.30
C CYS B 128 19.07 29.90 -2.03
N PRO B 129 20.32 29.97 -2.51
CA PRO B 129 20.81 31.12 -3.28
C PRO B 129 19.92 31.49 -4.46
N THR B 130 19.38 30.47 -5.15
CA THR B 130 18.45 30.70 -6.25
C THR B 130 17.19 29.88 -6.02
N PRO B 131 16.07 30.26 -6.68
CA PRO B 131 14.82 29.51 -6.53
C PRO B 131 14.96 28.01 -6.84
N LEU B 132 15.89 27.66 -7.73
CA LEU B 132 16.05 26.27 -8.13
C LEU B 132 17.23 25.58 -7.43
N GLY B 133 17.96 26.35 -6.62
CA GLY B 133 19.11 25.81 -5.91
C GLY B 133 20.26 26.80 -5.85
N VAL B 134 21.18 26.71 -6.80
CA VAL B 134 22.28 27.65 -6.90
C VAL B 134 22.41 28.19 -8.33
N LYS B 135 21.83 27.46 -9.27
CA LYS B 135 21.88 27.85 -10.67
C LYS B 135 20.79 28.87 -11.03
N GLY B 136 21.11 29.76 -11.96
CA GLY B 136 20.15 30.73 -12.45
C GLY B 136 20.23 32.08 -11.78
N LYS B 137 19.16 32.87 -11.97
CA LYS B 137 19.09 34.21 -11.39
C LYS B 137 18.33 34.17 -10.07
N LYS B 138 18.35 35.28 -9.34
CA LYS B 138 17.66 35.38 -8.06
C LYS B 138 16.15 35.20 -8.20
N GLN B 139 15.64 35.57 -9.37
CA GLN B 139 14.21 35.43 -9.65
C GLN B 139 13.96 34.74 -10.98
N LEU B 140 13.06 33.78 -10.98
CA LEU B 140 12.65 33.09 -12.20
C LEU B 140 11.90 34.05 -13.11
N PRO B 141 11.89 33.76 -14.43
CA PRO B 141 11.17 34.65 -15.37
C PRO B 141 9.69 34.74 -15.06
N ASP B 142 9.06 35.83 -15.47
CA ASP B 142 7.61 35.98 -15.35
C ASP B 142 6.93 34.83 -16.07
N SER B 143 6.05 34.12 -15.37
CA SER B 143 5.44 32.91 -15.89
C SER B 143 4.58 33.17 -17.13
N ASN B 144 3.96 34.34 -17.19
CA ASN B 144 3.13 34.69 -18.33
C ASN B 144 3.96 34.97 -19.57
N GLU B 145 5.16 35.52 -19.36
CA GLU B 145 6.09 35.80 -20.45
C GLU B 145 6.62 34.50 -21.06
N ILE B 146 6.83 33.50 -20.21
CA ILE B 146 7.26 32.19 -20.68
C ILE B 146 6.21 31.56 -21.58
N VAL B 147 4.96 31.62 -21.13
CA VAL B 147 3.84 31.08 -21.89
C VAL B 147 3.68 31.77 -23.25
N GLU B 148 3.74 33.10 -23.22
CA GLU B 148 3.52 33.89 -24.43
C GLU B 148 4.62 33.71 -25.46
N LYS B 149 5.87 33.76 -25.02
CA LYS B 149 7.01 33.72 -25.94
C LYS B 149 7.39 32.31 -26.38
N LEU B 150 6.97 31.30 -25.63
CA LEU B 150 7.42 29.93 -25.88
C LEU B 150 6.30 28.94 -26.14
N LEU B 151 5.16 29.11 -25.48
CA LEU B 151 4.13 28.08 -25.48
C LEU B 151 2.89 28.43 -26.31
N LEU B 152 2.52 29.70 -26.35
CA LEU B 152 1.30 30.11 -27.05
C LEU B 152 1.32 29.78 -28.53
N ARG B 153 0.18 29.28 -29.01
CA ARG B 153 0.04 28.87 -30.40
C ARG B 153 -0.12 30.06 -31.34
N ARG B 154 0.85 30.24 -32.24
CA ARG B 154 0.75 31.23 -33.30
C ARG B 154 -0.05 30.66 -34.45
N LYS B 155 0.22 29.39 -34.73
CA LYS B 155 -0.39 28.68 -35.85
C LYS B 155 -0.49 27.20 -35.48
N PHE B 156 -1.67 26.61 -35.71
CA PHE B 156 -1.91 25.24 -35.27
C PHE B 156 -0.92 24.25 -35.87
N ILE B 157 -0.23 23.53 -35.00
CA ILE B 157 0.72 22.50 -35.42
C ILE B 157 0.14 21.12 -35.17
N PRO B 158 -0.31 20.45 -36.24
CA PRO B 158 -0.91 19.12 -36.12
C PRO B 158 0.12 18.06 -35.70
N ASP B 159 -0.36 17.01 -35.05
CA ASP B 159 0.52 15.91 -34.64
C ASP B 159 0.92 15.06 -35.82
N PRO B 160 2.24 14.93 -36.07
CA PRO B 160 2.74 14.11 -37.17
C PRO B 160 2.47 12.62 -36.98
N GLN B 161 2.18 12.21 -35.74
CA GLN B 161 1.84 10.82 -35.47
C GLN B 161 0.34 10.57 -35.73
N GLY B 162 -0.39 11.65 -35.97
CA GLY B 162 -1.78 11.56 -36.37
C GLY B 162 -2.78 11.30 -35.25
N SER B 163 -2.42 11.64 -34.02
CA SER B 163 -3.32 11.50 -32.89
C SER B 163 -4.61 12.30 -33.13
N ASN B 164 -5.75 11.74 -32.73
CA ASN B 164 -7.03 12.41 -32.94
C ASN B 164 -7.67 12.84 -31.62
N MET B 165 -8.90 13.32 -31.71
CA MET B 165 -9.63 13.78 -30.53
C MET B 165 -10.10 12.62 -29.67
N MET B 166 -10.31 11.45 -30.29
CA MET B 166 -10.61 10.24 -29.54
C MET B 166 -9.46 9.92 -28.60
N PHE B 167 -8.24 10.18 -29.07
CA PHE B 167 -7.05 9.98 -28.25
C PHE B 167 -6.94 11.04 -27.17
N ALA B 168 -7.15 12.30 -27.54
CA ALA B 168 -7.00 13.42 -26.63
C ALA B 168 -7.96 13.32 -25.45
N PHE B 169 -9.21 13.01 -25.73
CA PHE B 169 -10.22 12.95 -24.67
C PHE B 169 -10.13 11.65 -23.87
N PHE B 170 -9.61 10.59 -24.48
CA PHE B 170 -9.34 9.36 -23.74
C PHE B 170 -8.25 9.64 -22.72
N ALA B 171 -7.23 10.38 -23.14
CA ALA B 171 -6.11 10.72 -22.27
C ALA B 171 -6.58 11.52 -21.06
N GLN B 172 -7.41 12.53 -21.31
CA GLN B 172 -7.92 13.37 -20.24
C GLN B 172 -8.86 12.59 -19.32
N HIS B 173 -9.71 11.76 -19.91
CA HIS B 173 -10.66 10.95 -19.14
C HIS B 173 -9.93 9.95 -18.26
N PHE B 174 -8.99 9.23 -18.86
CA PHE B 174 -8.23 8.21 -18.14
C PHE B 174 -7.40 8.77 -17.00
N THR B 175 -6.64 9.83 -17.27
CA THR B 175 -5.70 10.35 -16.26
C THR B 175 -6.38 11.12 -15.14
N HIS B 176 -7.62 11.54 -15.36
CA HIS B 176 -8.30 12.34 -14.35
C HIS B 176 -8.94 11.48 -13.26
N GLN B 177 -8.60 10.19 -13.25
CA GLN B 177 -9.01 9.34 -12.13
C GLN B 177 -7.90 9.30 -11.09
N PHE B 178 -6.66 9.61 -11.50
CA PHE B 178 -5.56 9.66 -10.54
C PHE B 178 -4.86 11.02 -10.50
N PHE B 179 -5.16 11.88 -11.47
CA PHE B 179 -4.78 13.29 -11.35
C PHE B 179 -5.99 14.09 -10.89
N LYS B 180 -6.16 14.20 -9.58
CA LYS B 180 -7.31 14.89 -8.99
C LYS B 180 -6.87 15.90 -7.94
N THR B 181 -6.18 16.94 -8.40
CA THR B 181 -5.62 17.97 -7.55
C THR B 181 -6.68 18.62 -6.65
N ASP B 182 -6.43 18.61 -5.34
CA ASP B 182 -7.31 19.29 -4.39
C ASP B 182 -6.90 20.75 -4.31
N HIS B 183 -7.39 21.54 -5.25
CA HIS B 183 -6.92 22.91 -5.45
C HIS B 183 -7.17 23.85 -4.27
N LYS B 184 -8.27 23.64 -3.55
CA LYS B 184 -8.56 24.45 -2.38
C LYS B 184 -7.56 24.18 -1.26
N ARG B 185 -6.93 23.01 -1.32
CA ARG B 185 -5.93 22.61 -0.34
C ARG B 185 -4.54 23.03 -0.80
N GLY B 186 -4.29 22.88 -2.11
CA GLY B 186 -3.01 23.21 -2.70
C GLY B 186 -2.61 22.20 -3.76
N PRO B 187 -1.75 22.60 -4.70
CA PRO B 187 -1.32 21.75 -5.81
C PRO B 187 -0.58 20.48 -5.35
N ALA B 188 -0.11 20.48 -4.10
CA ALA B 188 0.62 19.34 -3.56
C ALA B 188 -0.31 18.20 -3.17
N PHE B 189 -1.61 18.48 -3.14
CA PHE B 189 -2.57 17.51 -2.61
C PHE B 189 -3.51 16.96 -3.67
N THR B 190 -3.97 15.73 -3.46
CA THR B 190 -4.82 15.03 -4.40
C THR B 190 -6.08 14.49 -3.72
N ASN B 191 -7.16 14.36 -4.48
CA ASN B 191 -8.39 13.75 -3.98
C ASN B 191 -8.46 12.27 -4.32
N GLY B 192 -7.55 11.83 -5.19
CA GLY B 192 -7.51 10.44 -5.61
C GLY B 192 -6.68 9.59 -4.66
N LEU B 193 -7.29 9.19 -3.55
CA LEU B 193 -6.58 8.47 -2.49
C LEU B 193 -6.22 7.05 -2.88
N GLY B 194 -6.82 6.54 -3.94
CA GLY B 194 -6.51 5.23 -4.46
C GLY B 194 -5.18 5.20 -5.20
N HIS B 195 -4.77 6.37 -5.67
CA HIS B 195 -3.47 6.55 -6.32
C HIS B 195 -3.20 5.60 -7.48
N GLY B 196 -4.19 5.46 -8.37
CA GLY B 196 -4.03 4.62 -9.54
C GLY B 196 -5.29 4.36 -10.32
N VAL B 197 -5.31 3.23 -11.02
CA VAL B 197 -6.44 2.87 -11.86
C VAL B 197 -7.48 2.10 -11.05
N ASP B 198 -8.34 2.84 -10.35
CA ASP B 198 -9.41 2.22 -9.58
C ASP B 198 -10.78 2.50 -10.20
N LEU B 199 -10.78 3.31 -11.24
CA LEU B 199 -11.99 3.74 -11.94
C LEU B 199 -12.96 4.48 -11.01
N ASN B 200 -12.40 5.26 -10.09
CA ASN B 200 -13.20 6.13 -9.24
C ASN B 200 -13.91 7.21 -10.07
N HIS B 201 -13.39 7.51 -11.26
CA HIS B 201 -14.03 8.49 -12.13
C HIS B 201 -15.29 7.94 -12.77
N ILE B 202 -15.55 6.67 -12.55
CA ILE B 202 -16.80 6.04 -12.98
C ILE B 202 -17.69 5.74 -11.77
N TYR B 203 -17.10 5.17 -10.72
CA TYR B 203 -17.87 4.66 -9.60
C TYR B 203 -17.89 5.58 -8.38
N GLY B 204 -17.07 6.61 -8.40
CA GLY B 204 -16.98 7.51 -7.26
C GLY B 204 -15.83 7.17 -6.33
N GLU B 205 -15.33 8.17 -5.62
CA GLU B 205 -14.18 8.02 -4.74
C GLU B 205 -14.56 7.35 -3.42
N THR B 206 -15.78 7.60 -2.96
CA THR B 206 -16.25 7.06 -1.69
C THR B 206 -17.43 6.10 -1.89
N LEU B 207 -17.67 5.27 -0.89
CA LEU B 207 -18.80 4.35 -0.92
C LEU B 207 -20.12 5.10 -0.96
N ALA B 208 -20.16 6.25 -0.27
CA ALA B 208 -21.36 7.06 -0.21
C ALA B 208 -21.80 7.53 -1.60
N ARG B 209 -20.83 7.97 -2.40
CA ARG B 209 -21.11 8.43 -3.75
C ARG B 209 -21.46 7.27 -4.68
N GLN B 210 -20.76 6.15 -4.51
CA GLN B 210 -21.01 4.95 -5.30
C GLN B 210 -22.46 4.47 -5.15
N ARG B 211 -22.96 4.51 -3.93
CA ARG B 211 -24.32 4.04 -3.63
C ARG B 211 -25.37 4.94 -4.28
N LYS B 212 -25.01 6.20 -4.52
CA LYS B 212 -25.92 7.13 -5.18
C LYS B 212 -26.00 6.85 -6.68
N LEU B 213 -24.93 6.29 -7.23
CA LEU B 213 -24.84 6.06 -8.67
C LEU B 213 -25.29 4.66 -9.08
N ARG B 214 -25.41 3.77 -8.10
CA ARG B 214 -25.77 2.39 -8.38
C ARG B 214 -27.28 2.16 -8.45
N LEU B 215 -27.68 1.18 -9.25
CA LEU B 215 -29.08 0.83 -9.43
C LEU B 215 -29.53 -0.20 -8.39
N PHE B 216 -28.56 -0.98 -7.89
CA PHE B 216 -28.79 -2.05 -6.92
C PHE B 216 -29.71 -3.13 -7.46
N LYS B 217 -29.76 -3.24 -8.79
CA LYS B 217 -30.37 -4.37 -9.45
C LYS B 217 -29.39 -4.92 -10.49
N ASP B 218 -29.16 -6.22 -10.45
CA ASP B 218 -28.29 -6.91 -11.41
C ASP B 218 -26.86 -6.34 -11.46
N GLY B 219 -26.44 -5.69 -10.37
CA GLY B 219 -25.10 -5.15 -10.26
C GLY B 219 -24.89 -3.86 -11.03
N LYS B 220 -25.96 -3.36 -11.64
CA LYS B 220 -25.83 -2.27 -12.61
C LYS B 220 -25.73 -0.88 -12.01
N MET B 221 -25.34 0.06 -12.86
CA MET B 221 -25.28 1.48 -12.52
C MET B 221 -26.53 2.16 -13.08
N LYS B 222 -27.01 3.18 -12.37
CA LYS B 222 -28.18 3.94 -12.81
C LYS B 222 -27.93 4.63 -14.14
N TYR B 223 -29.00 4.86 -14.89
CA TYR B 223 -28.91 5.53 -16.19
C TYR B 223 -30.29 6.04 -16.60
N GLN B 224 -30.33 6.79 -17.70
CA GLN B 224 -31.59 7.20 -18.30
C GLN B 224 -31.56 6.96 -19.80
N ILE B 225 -32.74 6.78 -20.40
CA ILE B 225 -32.84 6.54 -21.83
C ILE B 225 -33.31 7.80 -22.55
N ILE B 226 -32.45 8.32 -23.43
CA ILE B 226 -32.79 9.50 -24.22
C ILE B 226 -32.65 9.18 -25.71
N ASP B 227 -33.76 9.25 -26.43
CA ASP B 227 -33.81 8.91 -27.85
C ASP B 227 -33.35 7.47 -28.10
N GLY B 228 -33.67 6.59 -27.16
CA GLY B 228 -33.35 5.17 -27.30
C GLY B 228 -31.96 4.79 -26.85
N GLU B 229 -31.18 5.77 -26.40
CA GLU B 229 -29.79 5.51 -26.00
C GLU B 229 -29.57 5.70 -24.51
N MET B 230 -28.57 4.99 -23.98
CA MET B 230 -28.26 5.03 -22.55
C MET B 230 -27.33 6.20 -22.21
N TYR B 231 -27.73 6.98 -21.22
CA TYR B 231 -26.94 8.12 -20.76
C TYR B 231 -26.90 8.12 -19.22
N PRO B 232 -25.92 8.83 -18.64
CA PRO B 232 -25.85 8.91 -17.18
C PRO B 232 -27.11 9.51 -16.55
N PRO B 233 -27.38 9.21 -15.27
CA PRO B 233 -28.54 9.76 -14.58
C PRO B 233 -28.34 11.24 -14.26
N THR B 234 -29.35 11.88 -13.69
CA THR B 234 -29.25 13.29 -13.35
C THR B 234 -28.77 13.49 -11.91
N VAL B 235 -28.33 14.71 -11.60
CA VAL B 235 -27.95 15.08 -10.25
C VAL B 235 -29.17 15.05 -9.33
N LYS B 236 -30.29 15.57 -9.81
CA LYS B 236 -31.53 15.62 -9.04
C LYS B 236 -31.97 14.24 -8.56
N ASP B 237 -31.76 13.23 -9.41
CA ASP B 237 -32.17 11.87 -9.12
C ASP B 237 -31.22 11.15 -8.16
N THR B 238 -29.92 11.26 -8.43
CA THR B 238 -28.91 10.57 -7.63
C THR B 238 -28.52 11.35 -6.37
N GLN B 239 -28.67 12.67 -6.43
CA GLN B 239 -28.18 13.58 -5.40
C GLN B 239 -26.66 13.49 -5.27
N ALA B 240 -26.00 13.02 -6.33
CA ALA B 240 -24.55 13.02 -6.40
C ALA B 240 -24.06 14.33 -7.00
N GLU B 241 -23.40 15.13 -6.19
CA GLU B 241 -22.97 16.47 -6.58
C GLU B 241 -22.06 16.47 -7.82
N MET B 242 -22.24 17.47 -8.66
CA MET B 242 -21.42 17.68 -9.84
C MET B 242 -21.11 19.17 -9.98
N ILE B 243 -20.05 19.50 -10.70
CA ILE B 243 -19.72 20.90 -10.94
C ILE B 243 -20.39 21.40 -12.21
N TYR B 244 -21.38 22.26 -12.04
CA TYR B 244 -22.10 22.86 -13.16
C TYR B 244 -22.40 24.33 -12.89
N PRO B 245 -22.23 25.19 -13.91
CA PRO B 245 -22.63 26.60 -13.83
C PRO B 245 -24.16 26.73 -13.78
N PRO B 246 -24.66 27.90 -13.34
CA PRO B 246 -26.11 28.12 -13.22
C PRO B 246 -26.89 27.97 -14.52
N GLN B 247 -26.25 28.23 -15.66
CA GLN B 247 -26.96 28.23 -16.94
C GLN B 247 -27.34 26.83 -17.43
N VAL B 248 -26.77 25.80 -16.81
CA VAL B 248 -27.10 24.42 -17.18
C VAL B 248 -28.37 23.96 -16.47
N PRO B 249 -29.44 23.68 -17.24
CA PRO B 249 -30.71 23.24 -16.67
C PRO B 249 -30.60 21.89 -15.96
N GLU B 250 -31.54 21.60 -15.07
CA GLU B 250 -31.48 20.40 -14.24
C GLU B 250 -31.45 19.11 -15.05
N HIS B 251 -32.21 19.06 -16.14
CA HIS B 251 -32.31 17.84 -16.94
C HIS B 251 -31.04 17.58 -17.74
N LEU B 252 -30.09 18.51 -17.71
CA LEU B 252 -28.83 18.36 -18.42
C LEU B 252 -27.65 18.20 -17.46
N ARG B 253 -27.94 18.11 -16.17
CA ARG B 253 -26.90 17.90 -15.18
C ARG B 253 -26.65 16.41 -14.96
N PHE B 254 -25.83 15.82 -15.82
CA PHE B 254 -25.48 14.41 -15.72
C PHE B 254 -24.57 14.14 -14.53
N ALA B 255 -24.87 13.07 -13.79
CA ALA B 255 -24.06 12.67 -12.65
C ALA B 255 -23.20 11.46 -12.98
N VAL B 256 -21.89 11.61 -12.81
CA VAL B 256 -20.96 10.51 -13.03
C VAL B 256 -19.94 10.44 -11.88
N GLY B 257 -19.06 9.44 -11.93
CA GLY B 257 -18.09 9.22 -10.87
C GLY B 257 -17.25 10.44 -10.55
N GLN B 258 -16.72 11.08 -11.59
CA GLN B 258 -15.88 12.27 -11.43
C GLN B 258 -16.70 13.55 -11.47
N GLU B 259 -16.52 14.39 -10.45
CA GLU B 259 -17.34 15.59 -10.26
C GLU B 259 -17.14 16.66 -11.35
N VAL B 260 -16.04 16.59 -12.10
CA VAL B 260 -15.73 17.64 -13.07
C VAL B 260 -15.96 17.22 -14.52
N PHE B 261 -16.47 16.02 -14.74
CA PHE B 261 -16.57 15.50 -16.11
C PHE B 261 -17.70 16.16 -16.91
N GLY B 262 -18.51 16.97 -16.27
CA GLY B 262 -19.53 17.72 -16.97
C GLY B 262 -18.95 18.94 -17.68
N LEU B 263 -17.69 19.24 -17.37
CA LEU B 263 -16.99 20.39 -17.94
C LEU B 263 -16.96 20.38 -19.46
N VAL B 264 -16.73 19.21 -20.05
CA VAL B 264 -16.59 19.12 -21.50
C VAL B 264 -17.20 17.82 -22.03
N PRO B 265 -18.02 17.93 -23.09
CA PRO B 265 -18.75 16.82 -23.71
C PRO B 265 -17.86 15.64 -24.08
N GLY B 266 -16.60 15.92 -24.39
CA GLY B 266 -15.63 14.88 -24.70
C GLY B 266 -15.45 13.93 -23.53
N LEU B 267 -15.46 14.47 -22.32
CA LEU B 267 -15.35 13.66 -21.11
C LEU B 267 -16.65 12.91 -20.84
N MET B 268 -17.77 13.59 -21.00
CA MET B 268 -19.08 12.99 -20.78
C MET B 268 -19.33 11.88 -21.81
N MET B 269 -18.71 12.00 -22.98
CA MET B 269 -18.80 10.97 -24.00
C MET B 269 -18.21 9.66 -23.50
N TYR B 270 -16.96 9.71 -23.03
CA TYR B 270 -16.31 8.52 -22.49
C TYR B 270 -16.96 8.04 -21.21
N ALA B 271 -17.47 8.97 -20.41
CA ALA B 271 -18.17 8.64 -19.19
C ALA B 271 -19.41 7.80 -19.51
N THR B 272 -20.09 8.18 -20.58
CA THR B 272 -21.29 7.47 -21.03
C THR B 272 -20.93 6.08 -21.56
N ILE B 273 -19.87 6.03 -22.36
CA ILE B 273 -19.42 4.77 -22.96
C ILE B 273 -19.00 3.74 -21.91
N TRP B 274 -18.26 4.19 -20.89
CA TRP B 274 -17.82 3.28 -19.84
C TRP B 274 -18.99 2.86 -18.95
N LEU B 275 -19.96 3.75 -18.80
CA LEU B 275 -21.18 3.43 -18.07
C LEU B 275 -21.94 2.32 -18.77
N ARG B 276 -22.04 2.44 -20.10
CA ARG B 276 -22.69 1.42 -20.92
C ARG B 276 -21.97 0.08 -20.81
N GLU B 277 -20.63 0.13 -20.76
CA GLU B 277 -19.82 -1.08 -20.70
C GLU B 277 -20.00 -1.83 -19.39
N HIS B 278 -20.12 -1.09 -18.29
CA HIS B 278 -20.34 -1.71 -16.98
C HIS B 278 -21.62 -2.53 -16.99
N ASN B 279 -22.71 -1.91 -17.41
CA ASN B 279 -24.01 -2.58 -17.41
C ASN B 279 -24.06 -3.72 -18.42
N ARG B 280 -23.26 -3.61 -19.47
CA ARG B 280 -23.15 -4.68 -20.47
C ARG B 280 -22.50 -5.91 -19.85
N VAL B 281 -21.44 -5.66 -19.08
CA VAL B 281 -20.71 -6.74 -18.41
C VAL B 281 -21.59 -7.39 -17.34
N CYS B 282 -22.40 -6.58 -16.66
CA CYS B 282 -23.36 -7.09 -15.69
C CYS B 282 -24.30 -8.12 -16.32
N ASP B 283 -24.80 -7.83 -17.51
CA ASP B 283 -25.68 -8.75 -18.23
C ASP B 283 -24.96 -10.05 -18.58
N VAL B 284 -23.69 -9.92 -18.97
CA VAL B 284 -22.87 -11.08 -19.29
C VAL B 284 -22.68 -11.97 -18.06
N LEU B 285 -22.32 -11.35 -16.95
CA LEU B 285 -22.09 -12.09 -15.71
C LEU B 285 -23.38 -12.70 -15.15
N LYS B 286 -24.49 -11.99 -15.30
CA LYS B 286 -25.77 -12.50 -14.81
C LYS B 286 -26.19 -13.73 -15.60
N GLN B 287 -25.82 -13.77 -16.87
CA GLN B 287 -26.09 -14.93 -17.70
C GLN B 287 -25.24 -16.11 -17.26
N GLU B 288 -24.02 -15.82 -16.83
CA GLU B 288 -23.08 -16.86 -16.40
C GLU B 288 -23.34 -17.27 -14.95
N HIS B 289 -23.81 -16.32 -14.14
CA HIS B 289 -24.08 -16.58 -12.73
C HIS B 289 -25.47 -16.10 -12.31
N PRO B 290 -26.52 -16.86 -12.67
CA PRO B 290 -27.87 -16.48 -12.27
C PRO B 290 -28.10 -16.61 -10.76
N GLU B 291 -27.12 -17.18 -10.07
CA GLU B 291 -27.21 -17.37 -8.62
C GLU B 291 -26.59 -16.21 -7.85
N TRP B 292 -25.84 -15.34 -8.54
CA TRP B 292 -25.19 -14.21 -7.88
C TRP B 292 -26.18 -13.10 -7.51
N GLY B 293 -25.86 -12.38 -6.44
CA GLY B 293 -26.64 -11.22 -6.05
C GLY B 293 -26.11 -9.95 -6.68
N ASP B 294 -26.83 -8.85 -6.47
CA ASP B 294 -26.48 -7.55 -7.04
C ASP B 294 -25.07 -7.09 -6.66
N GLU B 295 -24.70 -7.27 -5.40
CA GLU B 295 -23.42 -6.80 -4.91
C GLU B 295 -22.23 -7.47 -5.61
N GLN B 296 -22.27 -8.80 -5.72
CA GLN B 296 -21.17 -9.52 -6.35
C GLN B 296 -21.11 -9.23 -7.85
N LEU B 297 -22.27 -9.03 -8.47
CA LEU B 297 -22.33 -8.65 -9.88
C LEU B 297 -21.67 -7.29 -10.10
N PHE B 298 -21.95 -6.35 -9.21
CA PHE B 298 -21.33 -5.03 -9.28
C PHE B 298 -19.82 -5.10 -9.12
N GLN B 299 -19.37 -5.75 -8.05
CA GLN B 299 -17.96 -5.78 -7.71
C GLN B 299 -17.12 -6.48 -8.77
N THR B 300 -17.62 -7.59 -9.30
CA THR B 300 -16.91 -8.34 -10.33
C THR B 300 -16.83 -7.57 -11.63
N SER B 301 -17.91 -6.88 -11.99
CA SER B 301 -17.95 -6.05 -13.18
C SER B 301 -16.90 -4.93 -13.09
N ARG B 302 -16.77 -4.35 -11.91
CA ARG B 302 -15.78 -3.30 -11.68
C ARG B 302 -14.35 -3.82 -11.90
N LEU B 303 -14.08 -5.02 -11.42
CA LEU B 303 -12.75 -5.59 -11.57
C LEU B 303 -12.44 -5.88 -13.04
N ILE B 304 -13.45 -6.31 -13.78
CA ILE B 304 -13.31 -6.57 -15.20
C ILE B 304 -13.02 -5.28 -15.99
N LEU B 305 -13.75 -4.22 -15.65
CA LEU B 305 -13.54 -2.94 -16.34
C LEU B 305 -12.18 -2.33 -16.01
N ILE B 306 -11.67 -2.60 -14.81
CA ILE B 306 -10.33 -2.19 -14.45
C ILE B 306 -9.33 -2.91 -15.36
N GLY B 307 -9.55 -4.21 -15.57
CA GLY B 307 -8.73 -5.00 -16.46
C GLY B 307 -8.78 -4.52 -17.90
N GLU B 308 -9.99 -4.22 -18.37
CA GLU B 308 -10.19 -3.67 -19.71
C GLU B 308 -9.41 -2.37 -19.90
N THR B 309 -9.47 -1.52 -18.90
CA THR B 309 -8.82 -0.21 -18.93
C THR B 309 -7.31 -0.36 -19.09
N ILE B 310 -6.70 -1.20 -18.26
CA ILE B 310 -5.27 -1.44 -18.33
C ILE B 310 -4.89 -2.08 -19.66
N LYS B 311 -5.72 -3.01 -20.12
CA LYS B 311 -5.49 -3.69 -21.41
C LYS B 311 -5.48 -2.69 -22.57
N ILE B 312 -6.49 -1.82 -22.60
CA ILE B 312 -6.62 -0.82 -23.67
C ILE B 312 -5.51 0.22 -23.61
N VAL B 313 -5.19 0.68 -22.40
CA VAL B 313 -4.17 1.72 -22.24
C VAL B 313 -2.80 1.25 -22.73
N ILE B 314 -2.45 0.00 -22.43
CA ILE B 314 -1.17 -0.53 -22.85
C ILE B 314 -1.11 -0.84 -24.35
N GLU B 315 -2.07 -1.63 -24.85
CA GLU B 315 -1.97 -2.18 -26.19
C GLU B 315 -2.59 -1.29 -27.28
N ASP B 316 -3.31 -0.26 -26.88
CA ASP B 316 -3.86 0.70 -27.84
C ASP B 316 -3.30 2.10 -27.63
N TYR B 317 -3.43 2.60 -26.41
CA TYR B 317 -3.05 3.97 -26.06
C TYR B 317 -1.54 4.17 -26.08
N VAL B 318 -0.82 3.45 -25.23
CA VAL B 318 0.63 3.55 -25.18
C VAL B 318 1.25 3.07 -26.50
N GLN B 319 0.63 2.04 -27.09
CA GLN B 319 1.07 1.51 -28.38
C GLN B 319 1.09 2.59 -29.44
N HIS B 320 0.01 3.39 -29.49
CA HIS B 320 -0.08 4.49 -30.44
C HIS B 320 0.99 5.55 -30.20
N LEU B 321 1.13 5.96 -28.94
CA LEU B 321 2.10 6.98 -28.57
C LEU B 321 3.53 6.60 -28.91
N SER B 322 3.90 5.35 -28.64
CA SER B 322 5.26 4.89 -28.82
C SER B 322 5.71 4.94 -30.28
N GLY B 323 4.81 4.59 -31.18
CA GLY B 323 5.15 4.53 -32.60
C GLY B 323 5.96 3.28 -32.92
N TYR B 324 6.01 2.36 -31.96
CA TYR B 324 6.78 1.13 -32.11
C TYR B 324 6.16 0.18 -33.13
N HIS B 325 7.00 -0.51 -33.89
CA HIS B 325 6.54 -1.61 -34.72
C HIS B 325 6.34 -2.85 -33.85
N PHE B 326 7.05 -2.88 -32.73
CA PHE B 326 6.86 -3.92 -31.73
C PHE B 326 5.51 -3.75 -31.05
N LYS B 327 4.75 -4.82 -30.93
CA LYS B 327 3.42 -4.76 -30.33
C LYS B 327 3.48 -5.01 -28.83
N LEU B 328 3.27 -3.95 -28.05
CA LEU B 328 3.26 -4.05 -26.59
C LEU B 328 2.17 -5.01 -26.13
N LYS B 329 2.39 -5.64 -24.98
CA LYS B 329 1.48 -6.66 -24.50
C LYS B 329 1.14 -6.46 -23.03
N PHE B 330 -0.14 -6.61 -22.70
CA PHE B 330 -0.55 -6.61 -21.31
C PHE B 330 -0.61 -8.05 -20.80
N ASP B 331 0.36 -8.42 -19.98
CA ASP B 331 0.42 -9.76 -19.44
C ASP B 331 1.12 -9.76 -18.08
N PRO B 332 0.34 -9.73 -17.00
CA PRO B 332 0.84 -9.75 -15.62
C PRO B 332 1.79 -10.92 -15.35
N GLU B 333 1.60 -12.04 -16.04
CA GLU B 333 2.43 -13.23 -15.84
C GLU B 333 3.90 -12.97 -16.15
N LEU B 334 4.16 -11.95 -16.96
CA LEU B 334 5.53 -11.58 -17.33
C LEU B 334 6.36 -11.16 -16.13
N LEU B 335 5.71 -10.82 -15.02
CA LEU B 335 6.41 -10.31 -13.85
C LEU B 335 6.43 -11.27 -12.67
N PHE B 336 5.79 -12.43 -12.81
CA PHE B 336 5.64 -13.35 -11.69
C PHE B 336 6.96 -13.97 -11.25
N ASN B 337 7.97 -13.90 -12.11
CA ASN B 337 9.30 -14.40 -11.77
C ASN B 337 10.31 -13.27 -11.56
N LYS B 338 9.81 -12.04 -11.47
CA LYS B 338 10.65 -10.87 -11.30
C LYS B 338 10.42 -10.20 -9.95
N GLN B 339 11.36 -9.36 -9.53
CA GLN B 339 11.16 -8.51 -8.37
C GLN B 339 10.34 -7.29 -8.74
N PHE B 340 9.15 -7.18 -8.17
CA PHE B 340 8.24 -6.09 -8.51
C PHE B 340 7.26 -5.82 -7.37
N GLN B 341 7.06 -4.55 -7.06
CA GLN B 341 6.13 -4.16 -6.00
C GLN B 341 4.74 -3.84 -6.58
N TYR B 342 3.73 -4.53 -6.08
CA TYR B 342 2.36 -4.27 -6.53
C TYR B 342 1.72 -3.20 -5.66
N GLN B 343 2.16 -1.96 -5.91
CA GLN B 343 1.61 -0.78 -5.24
C GLN B 343 2.05 0.44 -6.05
N ASN B 344 1.37 1.57 -5.83
CA ASN B 344 1.68 2.76 -6.60
C ASN B 344 1.26 4.03 -5.87
N ARG B 345 2.07 5.06 -5.99
CA ARG B 345 1.75 6.38 -5.47
C ARG B 345 1.95 7.38 -6.60
N ILE B 346 0.96 8.23 -6.83
CA ILE B 346 1.00 9.17 -7.95
C ILE B 346 1.95 10.33 -7.66
N ALA B 347 2.88 10.57 -8.57
CA ALA B 347 3.87 11.63 -8.40
C ALA B 347 3.40 12.95 -8.99
N ALA B 348 3.77 14.04 -8.32
CA ALA B 348 3.38 15.38 -8.76
C ALA B 348 3.96 15.69 -10.14
N GLU B 349 5.18 15.23 -10.38
CA GLU B 349 5.85 15.48 -11.66
C GLU B 349 5.20 14.71 -12.80
N PHE B 350 4.66 13.54 -12.47
CA PHE B 350 3.90 12.75 -13.44
C PHE B 350 2.68 13.54 -13.89
N ASN B 351 2.04 14.19 -12.93
CA ASN B 351 0.90 15.07 -13.22
C ASN B 351 1.32 16.20 -14.16
N THR B 352 2.34 16.94 -13.75
CA THR B 352 2.83 18.09 -14.51
C THR B 352 3.23 17.72 -15.94
N LEU B 353 3.95 16.61 -16.06
CA LEU B 353 4.39 16.08 -17.34
C LEU B 353 3.21 15.79 -18.27
N TYR B 354 2.07 15.45 -17.67
CA TYR B 354 0.89 15.08 -18.44
C TYR B 354 0.00 16.27 -18.81
N HIS B 355 0.52 17.49 -18.64
CA HIS B 355 -0.24 18.68 -19.02
C HIS B 355 -0.13 18.90 -20.53
N TRP B 356 -0.79 18.03 -21.29
CA TRP B 356 -0.68 18.02 -22.74
C TRP B 356 -1.68 18.94 -23.43
N HIS B 357 -1.74 20.20 -23.01
N HIS B 357 -1.71 20.19 -22.94
CA HIS B 357 -2.73 21.09 -23.60
CA HIS B 357 -2.53 21.26 -23.49
C HIS B 357 -2.42 21.61 -25.04
C HIS B 357 -2.43 21.42 -25.01
N PRO B 358 -1.21 21.35 -25.59
CA PRO B 358 -1.14 21.56 -27.04
C PRO B 358 -1.96 20.58 -27.89
N LEU B 359 -2.39 19.46 -27.31
CA LEU B 359 -3.27 18.52 -28.01
C LEU B 359 -4.56 19.17 -28.47
N LEU B 360 -5.02 20.17 -27.72
CA LEU B 360 -6.31 20.80 -27.96
C LEU B 360 -6.35 21.59 -29.26
N PRO B 361 -7.45 21.47 -30.01
CA PRO B 361 -7.64 22.18 -31.28
C PRO B 361 -8.11 23.62 -31.06
N ASP B 362 -8.21 24.38 -32.15
CA ASP B 362 -8.72 25.74 -32.08
C ASP B 362 -10.25 25.74 -31.95
N THR B 363 -10.89 24.82 -32.67
CA THR B 363 -12.33 24.61 -32.55
C THR B 363 -12.64 23.12 -32.52
N PHE B 364 -13.81 22.77 -32.00
CA PHE B 364 -14.21 21.37 -31.95
C PHE B 364 -15.21 21.06 -33.05
N GLN B 365 -14.88 20.08 -33.88
CA GLN B 365 -15.66 19.76 -35.06
C GLN B 365 -16.55 18.55 -34.85
N ILE B 366 -17.84 18.79 -34.68
CA ILE B 366 -18.82 17.72 -34.55
C ILE B 366 -19.76 17.74 -35.76
N HIS B 367 -19.73 16.65 -36.53
CA HIS B 367 -20.49 16.53 -37.76
C HIS B 367 -20.16 17.70 -38.70
N ASP B 368 -21.18 18.48 -39.08
CA ASP B 368 -20.98 19.61 -39.96
C ASP B 368 -20.90 20.91 -39.16
N GLN B 369 -20.78 20.79 -37.85
CA GLN B 369 -20.75 21.96 -36.96
C GLN B 369 -19.35 22.21 -36.40
N LYS B 370 -19.11 23.45 -36.02
CA LYS B 370 -17.88 23.81 -35.33
C LYS B 370 -18.23 24.58 -34.05
N TYR B 371 -17.51 24.32 -32.98
CA TYR B 371 -17.74 24.99 -31.71
C TYR B 371 -16.45 25.58 -31.15
N ASN B 372 -16.51 26.83 -30.70
CA ASN B 372 -15.37 27.40 -29.98
C ASN B 372 -15.40 26.90 -28.54
N TYR B 373 -14.39 27.30 -27.76
CA TYR B 373 -14.28 26.83 -26.38
C TYR B 373 -15.44 27.29 -25.51
N GLN B 374 -15.91 28.51 -25.76
CA GLN B 374 -17.00 29.08 -24.97
C GLN B 374 -18.29 28.31 -25.19
N GLN B 375 -18.50 27.84 -26.42
CA GLN B 375 -19.71 27.10 -26.78
C GLN B 375 -19.62 25.64 -26.34
N PHE B 376 -18.41 25.10 -26.32
CA PHE B 376 -18.21 23.67 -26.11
C PHE B 376 -18.31 23.26 -24.64
N ILE B 377 -17.69 24.04 -23.76
CA ILE B 377 -17.59 23.65 -22.35
C ILE B 377 -18.95 23.65 -21.65
N TYR B 378 -19.12 22.70 -20.73
CA TYR B 378 -20.35 22.56 -19.96
C TYR B 378 -21.60 22.48 -20.82
N ASN B 379 -21.45 21.93 -22.03
CA ASN B 379 -22.54 21.90 -22.99
C ASN B 379 -22.94 20.47 -23.34
N ASN B 380 -23.71 19.84 -22.45
CA ASN B 380 -24.20 18.49 -22.66
C ASN B 380 -25.28 18.43 -23.73
N SER B 381 -25.84 19.59 -24.06
CA SER B 381 -26.86 19.69 -25.11
C SER B 381 -26.30 19.23 -26.45
N ILE B 382 -25.03 19.53 -26.67
CA ILE B 382 -24.32 19.11 -27.88
C ILE B 382 -24.27 17.59 -27.97
N LEU B 383 -23.98 16.95 -26.85
CA LEU B 383 -23.84 15.50 -26.79
C LEU B 383 -25.15 14.80 -27.13
N LEU B 384 -26.26 15.35 -26.65
CA LEU B 384 -27.58 14.76 -26.90
C LEU B 384 -28.05 15.03 -28.32
N GLU B 385 -27.74 16.23 -28.82
CA GLU B 385 -28.15 16.63 -30.16
C GLU B 385 -27.52 15.75 -31.23
N HIS B 386 -26.23 15.49 -31.09
CA HIS B 386 -25.49 14.71 -32.08
C HIS B 386 -25.50 13.21 -31.77
N GLY B 387 -25.41 12.88 -30.50
CA GLY B 387 -25.36 11.49 -30.08
C GLY B 387 -23.92 10.99 -29.99
N ILE B 388 -23.74 9.86 -29.31
CA ILE B 388 -22.41 9.30 -29.10
C ILE B 388 -21.79 8.81 -30.41
N THR B 389 -22.61 8.25 -31.28
CA THR B 389 -22.11 7.72 -32.56
C THR B 389 -21.48 8.83 -33.41
N GLN B 390 -22.17 9.95 -33.52
CA GLN B 390 -21.66 11.09 -34.29
C GLN B 390 -20.40 11.67 -33.64
N PHE B 391 -20.38 11.68 -32.32
CA PHE B 391 -19.22 12.14 -31.57
C PHE B 391 -17.99 11.30 -31.87
N VAL B 392 -18.17 9.99 -31.91
CA VAL B 392 -17.08 9.07 -32.21
C VAL B 392 -16.56 9.26 -33.63
N GLU B 393 -17.48 9.36 -34.58
CA GLU B 393 -17.12 9.51 -35.99
C GLU B 393 -16.35 10.81 -36.26
N SER B 394 -16.75 11.89 -35.60
CA SER B 394 -16.13 13.18 -35.80
C SER B 394 -14.76 13.27 -35.13
N PHE B 395 -14.69 12.85 -33.87
CA PHE B 395 -13.46 12.92 -33.10
C PHE B 395 -12.37 11.98 -33.63
N THR B 396 -12.79 10.88 -34.24
CA THR B 396 -11.86 9.93 -34.83
C THR B 396 -11.10 10.57 -35.99
N ARG B 397 -11.76 11.49 -36.70
CA ARG B 397 -11.18 12.08 -37.90
C ARG B 397 -10.57 13.47 -37.67
N GLN B 398 -10.79 14.05 -36.50
CA GLN B 398 -10.20 15.36 -36.21
C GLN B 398 -8.83 15.20 -35.55
N ILE B 399 -7.81 15.75 -36.18
CA ILE B 399 -6.44 15.58 -35.71
C ILE B 399 -6.17 16.44 -34.47
N ALA B 400 -5.28 15.95 -33.61
CA ALA B 400 -4.86 16.69 -32.42
C ALA B 400 -3.55 17.42 -32.68
N GLY B 401 -3.17 18.30 -31.76
CA GLY B 401 -1.98 19.10 -31.92
C GLY B 401 -0.72 18.45 -31.38
N ARG B 402 0.43 18.85 -31.93
CA ARG B 402 1.72 18.34 -31.49
C ARG B 402 2.06 18.90 -30.11
N VAL B 403 2.50 18.04 -29.20
CA VAL B 403 2.77 18.45 -27.82
C VAL B 403 4.15 19.08 -27.67
N ALA B 404 5.17 18.42 -28.23
CA ALA B 404 6.52 18.95 -28.21
C ALA B 404 6.75 19.89 -29.40
N GLY B 405 7.85 20.63 -29.36
CA GLY B 405 8.19 21.53 -30.46
C GLY B 405 7.86 22.98 -30.19
N GLY B 406 7.13 23.24 -29.11
CA GLY B 406 6.84 24.59 -28.67
C GLY B 406 5.75 25.32 -29.42
N ARG B 407 5.26 26.40 -28.82
CA ARG B 407 4.30 27.32 -29.42
C ARG B 407 3.09 26.64 -30.07
N ASN B 408 2.40 25.79 -29.31
CA ASN B 408 1.23 25.10 -29.82
C ASN B 408 0.12 24.98 -28.78
N VAL B 409 0.19 25.81 -27.74
CA VAL B 409 -0.86 25.87 -26.73
C VAL B 409 -1.91 26.90 -27.11
N PRO B 410 -3.18 26.47 -27.21
CA PRO B 410 -4.27 27.37 -27.56
C PRO B 410 -4.40 28.53 -26.56
N PRO B 411 -4.59 29.75 -27.05
CA PRO B 411 -4.72 30.93 -26.19
C PRO B 411 -5.93 30.84 -25.26
N ALA B 412 -6.88 29.98 -25.60
CA ALA B 412 -8.09 29.79 -24.79
C ALA B 412 -7.76 29.22 -23.42
N VAL B 413 -6.67 28.46 -23.34
CA VAL B 413 -6.25 27.88 -22.07
C VAL B 413 -4.89 28.43 -21.64
N GLN B 414 -4.65 29.70 -21.97
CA GLN B 414 -3.40 30.37 -21.65
C GLN B 414 -3.14 30.44 -20.14
N LYS B 415 -4.17 30.74 -19.37
CA LYS B 415 -4.05 30.87 -17.92
C LYS B 415 -3.78 29.52 -17.27
N VAL B 416 -4.23 28.45 -17.91
CA VAL B 416 -4.01 27.11 -17.39
C VAL B 416 -2.53 26.74 -17.53
N SER B 417 -1.95 27.12 -18.67
CA SER B 417 -0.53 26.88 -18.94
C SER B 417 0.33 27.62 -17.92
N GLN B 418 -0.02 28.88 -17.66
CA GLN B 418 0.66 29.68 -16.65
C GLN B 418 0.54 29.05 -15.27
N ALA B 419 -0.63 28.48 -14.98
CA ALA B 419 -0.90 27.86 -13.69
C ALA B 419 0.04 26.69 -13.44
N SER B 420 0.33 25.92 -14.48
CA SER B 420 1.24 24.78 -14.39
C SER B 420 2.62 25.25 -13.93
N ILE B 421 3.04 26.40 -14.44
CA ILE B 421 4.33 26.98 -14.08
C ILE B 421 4.32 27.51 -12.65
N ASP B 422 3.26 28.25 -12.32
CA ASP B 422 3.12 28.84 -10.97
C ASP B 422 3.04 27.76 -9.89
N GLN B 423 2.28 26.71 -10.15
CA GLN B 423 2.13 25.61 -9.19
C GLN B 423 3.43 24.83 -9.03
N SER B 424 4.12 24.62 -10.15
CA SER B 424 5.43 23.96 -10.13
C SER B 424 6.42 24.68 -9.23
N ARG B 425 6.39 26.01 -9.29
CA ARG B 425 7.25 26.82 -8.43
C ARG B 425 6.77 26.80 -6.99
N GLN B 426 5.46 26.69 -6.80
CA GLN B 426 4.87 26.64 -5.48
C GLN B 426 5.26 25.37 -4.76
N MET B 427 5.44 24.29 -5.53
CA MET B 427 5.83 23.00 -4.98
C MET B 427 7.36 22.83 -5.01
N LYS B 428 8.04 23.87 -5.50
CA LYS B 428 9.50 23.92 -5.54
C LYS B 428 10.14 22.75 -6.29
N TYR B 429 9.70 22.54 -7.53
CA TYR B 429 10.33 21.57 -8.41
C TYR B 429 11.79 21.92 -8.64
N GLN B 430 12.63 20.91 -8.84
CA GLN B 430 13.99 21.14 -9.30
C GLN B 430 13.96 21.41 -10.80
N SER B 431 15.12 21.71 -11.38
CA SER B 431 15.18 22.10 -12.78
C SER B 431 14.95 20.92 -13.73
N PHE B 432 14.78 21.24 -15.00
CA PHE B 432 14.58 20.25 -16.05
C PHE B 432 15.76 19.28 -16.14
N ASN B 433 16.97 19.82 -16.10
CA ASN B 433 18.17 18.99 -16.21
C ASN B 433 18.36 18.07 -15.01
N GLU B 434 17.92 18.50 -13.83
CA GLU B 434 17.98 17.66 -12.64
C GLU B 434 17.09 16.44 -12.80
N TYR B 435 15.95 16.62 -13.47
CA TYR B 435 15.03 15.52 -13.70
C TYR B 435 15.53 14.59 -14.80
N ARG B 436 16.24 15.14 -15.78
CA ARG B 436 16.85 14.31 -16.81
C ARG B 436 17.89 13.38 -16.20
N LYS B 437 18.67 13.91 -15.26
CA LYS B 437 19.67 13.12 -14.57
C LYS B 437 19.03 12.09 -13.63
N ARG B 438 17.90 12.47 -13.04
CA ARG B 438 17.16 11.59 -12.14
C ARG B 438 16.71 10.32 -12.86
N PHE B 439 16.43 10.44 -14.15
CA PHE B 439 16.02 9.28 -14.94
C PHE B 439 17.15 8.84 -15.87
N MET B 440 18.38 9.06 -15.43
CA MET B 440 19.59 8.59 -16.09
C MET B 440 19.72 9.06 -17.54
N LEU B 441 19.34 10.31 -17.79
CA LEU B 441 19.57 10.93 -19.09
C LEU B 441 20.62 12.03 -18.94
N LYS B 442 21.51 12.13 -19.93
CA LYS B 442 22.49 13.21 -19.93
C LYS B 442 21.79 14.56 -20.00
N PRO B 443 22.22 15.50 -19.15
CA PRO B 443 21.63 16.85 -19.15
C PRO B 443 21.99 17.62 -20.41
N TYR B 444 21.09 18.49 -20.87
CA TYR B 444 21.38 19.35 -22.01
C TYR B 444 22.41 20.39 -21.61
N GLU B 445 23.34 20.69 -22.52
CA GLU B 445 24.45 21.57 -22.20
C GLU B 445 24.27 22.95 -22.84
N SER B 446 23.24 23.09 -23.66
CA SER B 446 22.93 24.36 -24.30
C SER B 446 21.45 24.44 -24.67
N PHE B 447 20.94 25.66 -24.75
CA PHE B 447 19.54 25.89 -25.12
C PHE B 447 19.24 25.35 -26.51
N GLU B 448 20.22 25.49 -27.41
CA GLU B 448 20.07 25.01 -28.78
C GLU B 448 19.94 23.49 -28.82
N GLU B 449 20.64 22.81 -27.91
CA GLU B 449 20.55 21.37 -27.81
C GLU B 449 19.17 20.94 -27.34
N LEU B 450 18.54 21.78 -26.53
CA LEU B 450 17.21 21.49 -26.00
C LEU B 450 16.13 21.55 -27.09
N THR B 451 16.11 22.65 -27.84
CA THR B 451 15.05 22.86 -28.84
C THR B 451 15.44 22.34 -30.22
N GLY B 452 16.73 22.23 -30.49
CA GLY B 452 17.21 21.85 -31.80
C GLY B 452 16.90 22.95 -32.81
N GLU B 453 16.93 24.18 -32.32
CA GLU B 453 16.43 25.32 -33.08
C GLU B 453 17.04 26.62 -32.52
N LYS B 454 17.04 27.69 -33.30
CA LYS B 454 17.75 28.91 -32.92
C LYS B 454 16.86 30.02 -32.34
N GLU B 455 15.60 30.07 -32.76
CA GLU B 455 14.73 31.16 -32.34
C GLU B 455 14.25 31.01 -30.89
N MET B 456 13.57 29.92 -30.59
CA MET B 456 13.06 29.69 -29.24
C MET B 456 14.19 29.51 -28.22
N SER B 457 15.32 28.97 -28.67
CA SER B 457 16.46 28.78 -27.78
C SER B 457 17.05 30.12 -27.39
N ALA B 458 16.96 31.10 -28.27
CA ALA B 458 17.43 32.45 -28.00
C ALA B 458 16.54 33.10 -26.94
N GLU B 459 15.24 32.91 -27.06
CA GLU B 459 14.30 33.44 -26.08
C GLU B 459 14.50 32.76 -24.73
N LEU B 460 14.72 31.45 -24.74
CA LEU B 460 15.02 30.70 -23.53
C LEU B 460 16.27 31.25 -22.84
N GLU B 461 17.29 31.56 -23.64
CA GLU B 461 18.53 32.13 -23.14
C GLU B 461 18.30 33.48 -22.47
N ALA B 462 17.47 34.31 -23.11
CA ALA B 462 17.18 35.64 -22.60
C ALA B 462 16.40 35.60 -21.29
N LEU B 463 15.58 34.56 -21.13
CA LEU B 463 14.74 34.42 -19.94
C LEU B 463 15.47 33.80 -18.76
N TYR B 464 16.07 32.64 -19.00
CA TYR B 464 16.66 31.86 -17.91
C TYR B 464 18.16 32.11 -17.70
N GLY B 465 18.86 32.45 -18.77
CA GLY B 465 20.30 32.70 -18.69
C GLY B 465 21.13 31.43 -18.76
N ASP B 466 20.79 30.45 -17.93
CA ASP B 466 21.52 29.19 -17.89
C ASP B 466 20.61 28.00 -18.18
N ILE B 467 21.12 27.03 -18.93
CA ILE B 467 20.36 25.85 -19.33
C ILE B 467 19.95 25.03 -18.10
N ASP B 468 20.74 25.11 -17.04
CA ASP B 468 20.46 24.38 -15.82
C ASP B 468 19.41 25.09 -14.96
N ALA B 469 18.89 26.20 -15.46
CA ALA B 469 17.87 26.96 -14.74
C ALA B 469 16.51 26.84 -15.40
N VAL B 470 16.47 26.11 -16.52
CA VAL B 470 15.22 25.92 -17.24
C VAL B 470 14.30 24.99 -16.46
N GLU B 471 13.05 25.39 -16.31
CA GLU B 471 12.09 24.64 -15.50
C GLU B 471 11.51 23.43 -16.24
N LEU B 472 10.93 22.51 -15.50
CA LEU B 472 10.46 21.23 -16.03
C LEU B 472 9.38 21.36 -17.09
N TYR B 473 8.27 22.00 -16.75
CA TYR B 473 7.10 22.08 -17.63
C TYR B 473 7.35 22.79 -18.96
N PRO B 474 7.92 24.01 -18.95
CA PRO B 474 8.11 24.64 -20.26
C PRO B 474 9.12 23.92 -21.15
N ALA B 475 10.15 23.34 -20.54
CA ALA B 475 11.19 22.62 -21.30
C ALA B 475 10.63 21.40 -22.00
N LEU B 476 9.67 20.73 -21.35
CA LEU B 476 9.03 19.56 -21.94
C LEU B 476 8.26 19.91 -23.21
N LEU B 477 7.66 21.10 -23.21
CA LEU B 477 6.83 21.53 -24.33
C LEU B 477 7.64 22.17 -25.47
N VAL B 478 8.86 22.61 -25.17
CA VAL B 478 9.69 23.23 -26.20
C VAL B 478 10.81 22.29 -26.68
N GLU B 479 10.92 21.13 -26.03
CA GLU B 479 11.96 20.17 -26.37
C GLU B 479 11.83 19.70 -27.82
N LYS B 480 12.98 19.54 -28.48
CA LYS B 480 13.01 19.03 -29.85
C LYS B 480 12.26 17.71 -29.95
N PRO B 481 11.23 17.67 -30.79
CA PRO B 481 10.49 16.42 -30.99
C PRO B 481 11.36 15.37 -31.65
N ARG B 482 11.12 14.10 -31.33
CA ARG B 482 11.75 13.01 -32.06
C ARG B 482 11.20 13.03 -33.49
N PRO B 483 11.95 12.47 -34.46
CA PRO B 483 11.54 12.53 -35.87
C PRO B 483 10.09 12.09 -36.10
N ASP B 484 9.28 13.02 -36.59
CA ASP B 484 7.86 12.78 -36.86
C ASP B 484 7.10 12.29 -35.63
N ALA B 485 7.54 12.71 -34.45
CA ALA B 485 6.92 12.27 -33.21
C ALA B 485 6.20 13.40 -32.48
N ILE B 486 5.31 13.01 -31.57
CA ILE B 486 4.51 13.97 -30.83
C ILE B 486 5.27 14.51 -29.62
N PHE B 487 6.23 13.72 -29.13
CA PHE B 487 6.98 14.07 -27.93
C PHE B 487 8.47 14.17 -28.18
N GLY B 488 9.17 14.78 -27.22
CA GLY B 488 10.62 14.76 -27.21
C GLY B 488 11.11 13.59 -26.36
N GLU B 489 12.42 13.45 -26.26
CA GLU B 489 13.03 12.34 -25.51
C GLU B 489 12.61 12.33 -24.04
N THR B 490 12.68 13.48 -23.39
CA THR B 490 12.47 13.58 -21.95
C THR B 490 11.05 13.19 -21.54
N MET B 491 10.07 13.58 -22.35
CA MET B 491 8.68 13.26 -22.09
C MET B 491 8.48 11.75 -22.00
N VAL B 492 9.11 11.03 -22.92
CA VAL B 492 8.99 9.58 -22.98
C VAL B 492 9.78 8.89 -21.88
N GLU B 493 11.04 9.28 -21.71
CA GLU B 493 11.94 8.59 -20.78
C GLU B 493 11.60 8.83 -19.32
N VAL B 494 10.96 9.96 -19.03
CA VAL B 494 10.53 10.26 -17.67
C VAL B 494 9.11 9.75 -17.43
N GLY B 495 8.26 9.93 -18.45
CA GLY B 495 6.86 9.57 -18.33
C GLY B 495 6.56 8.08 -18.35
N ALA B 496 7.29 7.33 -19.16
CA ALA B 496 7.05 5.90 -19.32
C ALA B 496 7.21 5.08 -18.03
N PRO B 497 8.26 5.35 -17.23
CA PRO B 497 8.34 4.60 -15.96
C PRO B 497 7.14 4.82 -15.07
N PHE B 498 6.72 6.07 -14.89
CA PHE B 498 5.53 6.38 -14.09
C PHE B 498 4.30 5.65 -14.64
N LEU B 500 3.90 3.01 -16.80
CA LEU B 500 3.92 1.54 -16.77
C LEU B 500 3.86 0.99 -15.34
N LYS B 501 4.52 1.67 -14.41
CA LYS B 501 4.49 1.28 -13.00
C LYS B 501 3.07 1.29 -12.44
N GLY B 502 2.34 2.35 -12.73
CA GLY B 502 0.96 2.48 -12.25
C GLY B 502 0.01 1.48 -12.88
N LEU B 503 0.36 1.01 -14.07
CA LEU B 503 -0.47 0.03 -14.78
C LEU B 503 -0.24 -1.38 -14.26
N MET B 504 1.02 -1.83 -14.28
CA MET B 504 1.35 -3.18 -13.85
C MET B 504 1.33 -3.33 -12.33
N GLY B 505 1.48 -2.21 -11.63
CA GLY B 505 1.48 -2.22 -10.18
C GLY B 505 0.09 -2.41 -9.58
N ASN B 506 -0.93 -2.34 -10.43
CA ASN B 506 -2.31 -2.53 -9.99
C ASN B 506 -2.50 -3.90 -9.34
N VAL B 507 -3.34 -3.93 -8.30
CA VAL B 507 -3.52 -5.15 -7.50
C VAL B 507 -4.02 -6.33 -8.33
N ILE B 508 -4.81 -6.08 -9.36
CA ILE B 508 -5.36 -7.17 -10.17
C ILE B 508 -4.28 -7.89 -10.97
N CYS B 509 -3.11 -7.26 -11.09
CA CYS B 509 -1.99 -7.86 -11.82
C CYS B 509 -1.14 -8.76 -10.91
N SER B 510 -1.42 -8.72 -9.61
CA SER B 510 -0.68 -9.53 -8.65
C SER B 510 -1.08 -11.01 -8.78
N PRO B 511 -0.16 -11.92 -8.46
CA PRO B 511 -0.40 -13.37 -8.57
C PRO B 511 -1.68 -13.85 -7.89
N ALA B 512 -2.03 -13.25 -6.76
CA ALA B 512 -3.22 -13.68 -6.02
C ALA B 512 -4.52 -13.26 -6.68
N TYR B 513 -4.46 -12.23 -7.53
CA TYR B 513 -5.65 -11.71 -8.19
C TYR B 513 -5.77 -12.15 -9.64
N TRP B 514 -4.65 -12.29 -10.33
CA TRP B 514 -4.68 -12.57 -11.76
C TRP B 514 -5.03 -14.04 -12.05
N LYS B 515 -6.31 -14.35 -11.96
CA LYS B 515 -6.81 -15.70 -12.19
C LYS B 515 -8.30 -15.64 -12.51
N PRO B 516 -8.83 -16.65 -13.23
CA PRO B 516 -10.21 -16.63 -13.71
C PRO B 516 -11.26 -16.36 -12.63
N SER B 517 -11.12 -16.99 -11.46
CA SER B 517 -12.10 -16.89 -10.39
C SER B 517 -12.33 -15.45 -9.92
N THR B 518 -11.31 -14.62 -10.03
CA THR B 518 -11.39 -13.21 -9.62
C THR B 518 -12.42 -12.46 -10.46
N PHE B 519 -12.59 -12.87 -11.71
CA PHE B 519 -13.43 -12.14 -12.65
C PHE B 519 -14.67 -12.93 -13.07
N GLY B 520 -15.09 -13.87 -12.22
CA GLY B 520 -16.30 -14.62 -12.46
C GLY B 520 -16.14 -15.80 -13.40
N GLY B 521 -14.90 -16.21 -13.63
CA GLY B 521 -14.61 -17.33 -14.51
C GLY B 521 -13.89 -16.92 -15.78
N GLU B 522 -13.69 -17.89 -16.67
CA GLU B 522 -12.99 -17.65 -17.93
C GLU B 522 -13.70 -16.63 -18.80
N VAL B 523 -15.02 -16.56 -18.70
CA VAL B 523 -15.80 -15.62 -19.49
C VAL B 523 -15.46 -14.18 -19.14
N GLY B 524 -15.35 -13.88 -17.85
CA GLY B 524 -15.00 -12.54 -17.41
C GLY B 524 -13.54 -12.24 -17.67
N PHE B 525 -12.70 -13.25 -17.46
CA PHE B 525 -11.26 -13.12 -17.68
C PHE B 525 -10.97 -12.81 -19.15
N GLN B 526 -11.73 -13.43 -20.04
CA GLN B 526 -11.54 -13.27 -21.47
C GLN B 526 -11.93 -11.86 -21.93
N ILE B 527 -12.95 -11.28 -21.28
CA ILE B 527 -13.38 -9.92 -21.60
C ILE B 527 -12.22 -8.95 -21.44
N ILE B 528 -11.47 -9.12 -20.36
CA ILE B 528 -10.28 -8.31 -20.11
C ILE B 528 -9.23 -8.49 -21.21
N ASN B 529 -8.85 -9.73 -21.44
CA ASN B 529 -7.72 -10.03 -22.32
C ASN B 529 -8.03 -9.91 -23.82
N THR B 530 -9.25 -9.52 -24.15
CA THR B 530 -9.62 -9.29 -25.55
C THR B 530 -10.11 -7.86 -25.77
N ALA B 531 -10.03 -7.04 -24.73
CA ALA B 531 -10.49 -5.66 -24.82
C ALA B 531 -9.62 -4.81 -25.74
N SER B 532 -10.25 -3.86 -26.42
CA SER B 532 -9.54 -2.90 -27.25
C SER B 532 -10.39 -1.63 -27.37
N ILE B 533 -9.79 -0.54 -27.84
CA ILE B 533 -10.53 0.70 -27.99
C ILE B 533 -11.65 0.52 -29.02
N GLN B 534 -11.41 -0.31 -30.04
CA GLN B 534 -12.41 -0.57 -31.07
C GLN B 534 -13.58 -1.40 -30.53
N SER B 535 -13.26 -2.40 -29.71
CA SER B 535 -14.30 -3.27 -29.16
C SER B 535 -15.17 -2.53 -28.13
N LEU B 536 -14.56 -1.58 -27.43
CA LEU B 536 -15.28 -0.77 -26.44
C LEU B 536 -16.35 0.07 -27.11
N ILE B 537 -16.01 0.63 -28.26
CA ILE B 537 -16.93 1.46 -29.02
C ILE B 537 -17.94 0.59 -29.76
N CYS B 538 -17.48 -0.52 -30.32
CA CYS B 538 -18.34 -1.42 -31.08
C CYS B 538 -19.43 -2.04 -30.21
N ASN B 539 -19.07 -2.39 -28.98
CA ASN B 539 -20.01 -3.02 -28.06
C ASN B 539 -21.03 -2.07 -27.46
N ASN B 540 -20.70 -0.78 -27.40
CA ASN B 540 -21.52 0.16 -26.64
C ASN B 540 -22.00 1.38 -27.43
N VAL B 541 -21.68 1.45 -28.72
CA VAL B 541 -22.12 2.57 -29.53
C VAL B 541 -22.91 2.08 -30.74
N LYS B 542 -24.11 2.63 -30.91
CA LYS B 542 -25.01 2.25 -32.00
C LYS B 542 -24.34 2.35 -33.37
N GLY B 543 -24.48 1.30 -34.17
CA GLY B 543 -23.92 1.27 -35.50
C GLY B 543 -22.51 0.70 -35.55
N CYS B 544 -21.90 0.56 -34.38
CA CYS B 544 -20.53 0.09 -34.24
C CYS B 544 -19.59 0.84 -35.19
N PRO B 545 -19.40 2.15 -34.95
CA PRO B 545 -18.57 2.93 -35.86
C PRO B 545 -17.09 2.61 -35.70
N PHE B 546 -16.33 2.77 -36.78
CA PHE B 546 -14.89 2.60 -36.71
C PHE B 546 -14.30 3.66 -35.78
N THR B 547 -13.31 3.28 -34.98
CA THR B 547 -12.60 4.25 -34.19
C THR B 547 -11.15 3.83 -33.98
N SER B 548 -10.32 4.82 -33.67
CA SER B 548 -8.89 4.63 -33.52
C SER B 548 -8.32 5.83 -32.77
N PHE B 549 -7.12 5.68 -32.25
CA PHE B 549 -6.47 6.79 -31.57
C PHE B 549 -5.69 7.64 -32.57
N SER B 550 -5.79 7.25 -33.85
CA SER B 550 -5.14 7.97 -34.93
C SER B 550 -6.13 8.31 -36.06
N VAL B 551 -5.89 9.41 -36.75
CA VAL B 551 -6.78 9.85 -37.82
C VAL B 551 -6.69 8.94 -39.05
N PRO B 552 -7.84 8.67 -39.68
CA PRO B 552 -7.91 7.90 -40.92
C PRO B 552 -7.35 8.67 -42.12
#